data_3ZVI
#
_entry.id   3ZVI
#
_cell.length_a   66.621
_cell.length_b   109.863
_cell.length_c   110.853
_cell.angle_alpha   90.00
_cell.angle_beta   90.00
_cell.angle_gamma   90.00
#
_symmetry.space_group_name_H-M   'P 21 21 21'
#
loop_
_entity.id
_entity.type
_entity.pdbx_description
1 polymer 'METHYLASPARTATE AMMONIA-LYASE'
2 non-polymer GLYCEROL
3 non-polymer PROPIONAMIDE
4 non-polymer 'MAGNESIUM ION'
5 non-polymer 'CHLORIDE ION'
6 water water
#
_entity_poly.entity_id   1
_entity_poly.type   'polypeptide(L)'
_entity_poly.pdbx_seq_one_letter_code
;MKIVDVLCTPGLTGFYFDDQRAIKKGAGHDGFTYTGSTVTEGFTQVRQKGESISVLLVLEDGQVAHGDCAAVQYSGAGGR
DPLFLAKDFIPVIEKEIAPKLIGREITNFKPMAEEFDKMTVNGNRLHTAIRYGITQAILDAVAKTRKVTMAEVIRDEYNP
GAEINAVPVFAQSGDDRYDNVDKMIIKEADVLPHALINNVEEKLGLKGEKLLEYVKWLRDRIIKLRVREDYAPIFHIDVY
GTIGAAFDVDIKAMADYIQTLAEAAKPFHLRIEGPMDVEDRQKQMEAMRDLRAELDGRGVDAELVADEWCNTVEDVKFFT
DNKAGHMVQIKTPDLGGVNNIADAIMYCKANGMGAYCGGTCNETNRSAEVTTNIGMACGARQVAAKPGMGVDEGMMIVKN
EMNRVLALVGRRKKLGPEQKLISEEDLNSAVDHHHHHH
;
_entity_poly.pdbx_strand_id   A,B
#
loop_
_chem_comp.id
_chem_comp.type
_chem_comp.name
_chem_comp.formula
CL non-polymer 'CHLORIDE ION' 'Cl -1'
GOL non-polymer GLYCEROL 'C3 H8 O3'
MG non-polymer 'MAGNESIUM ION' 'Mg 2'
ROP non-polymer PROPIONAMIDE 'C3 H7 N O'
#
# COMPACT_ATOMS: atom_id res chain seq x y z
N MET A 1 3.30 1.69 33.23
CA MET A 1 2.33 1.65 32.12
C MET A 1 1.76 0.24 31.93
N LYS A 2 0.44 0.14 31.86
CA LYS A 2 -0.22 -1.14 31.57
C LYS A 2 -1.00 -1.05 30.26
N ILE A 3 -1.14 -2.19 29.60
CA ILE A 3 -2.18 -2.37 28.61
C ILE A 3 -3.50 -2.46 29.33
N VAL A 4 -4.49 -1.69 28.87
CA VAL A 4 -5.79 -1.70 29.55
C VAL A 4 -6.87 -2.38 28.74
N ASP A 5 -6.67 -2.47 27.43
CA ASP A 5 -7.66 -3.13 26.57
C ASP A 5 -7.01 -3.64 25.30
N VAL A 6 -7.61 -4.68 24.72
CA VAL A 6 -7.16 -5.30 23.48
C VAL A 6 -8.36 -5.39 22.54
N LEU A 7 -8.20 -4.89 21.32
CA LEU A 7 -9.24 -4.97 20.27
C LEU A 7 -8.70 -5.63 19.02
N CYS A 8 -9.45 -6.60 18.50
CA CYS A 8 -9.10 -7.27 17.27
C CYS A 8 -10.07 -6.90 16.17
N THR A 9 -9.57 -6.49 15.03
CA THR A 9 -10.44 -6.36 13.86
C THR A 9 -9.97 -7.20 12.68
N PRO A 10 -10.91 -7.79 11.93
CA PRO A 10 -10.61 -8.52 10.70
C PRO A 10 -10.18 -7.48 9.67
N GLY A 11 -9.23 -7.83 8.80
CA GLY A 11 -8.87 -6.94 7.70
C GLY A 11 -8.36 -7.67 6.48
N LEU A 12 -7.88 -6.86 5.53
CA LEU A 12 -7.31 -7.28 4.27
C LEU A 12 -5.80 -7.18 4.34
N THR A 13 -5.15 -7.51 3.24
CA THR A 13 -3.70 -7.58 3.13
C THR A 13 -3.35 -7.16 1.69
N GLY A 14 -2.07 -7.19 1.35
CA GLY A 14 -1.62 -6.78 0.01
C GLY A 14 -1.89 -7.80 -1.08
N PHE A 15 -2.42 -8.98 -0.73
CA PHE A 15 -2.62 -10.00 -1.74
C PHE A 15 -3.69 -11.01 -1.37
N TYR A 16 -3.42 -12.27 -1.70
CA TYR A 16 -4.43 -13.34 -1.70
C TYR A 16 -3.94 -14.55 -0.93
N PHE A 17 -4.89 -15.29 -0.36
CA PHE A 17 -4.64 -16.68 0.04
C PHE A 17 -4.90 -17.53 -1.18
N ASP A 18 -3.87 -18.23 -1.65
CA ASP A 18 -4.01 -19.17 -2.77
C ASP A 18 -3.86 -20.61 -2.29
N ASP A 19 -4.72 -21.47 -2.80
CA ASP A 19 -4.63 -22.89 -2.53
C ASP A 19 -3.49 -23.46 -3.37
N GLN A 20 -2.27 -23.49 -2.83
CA GLN A 20 -1.09 -23.99 -3.56
C GLN A 20 -1.33 -25.38 -4.08
N ARG A 21 -1.84 -26.27 -3.22
CA ARG A 21 -2.06 -27.66 -3.63
C ARG A 21 -2.97 -27.75 -4.86
N ALA A 22 -4.06 -26.98 -4.87
CA ALA A 22 -5.00 -26.97 -6.00
C ALA A 22 -4.35 -26.41 -7.26
N ILE A 23 -3.53 -25.39 -7.06
CA ILE A 23 -2.78 -24.81 -8.18
C ILE A 23 -1.81 -25.85 -8.77
N LYS A 24 -1.04 -26.50 -7.91
CA LYS A 24 -0.13 -27.58 -8.35
C LYS A 24 -0.87 -28.74 -9.02
N LYS A 25 -2.10 -28.99 -8.59
CA LYS A 25 -2.95 -29.99 -9.25
C LYS A 25 -3.53 -29.53 -10.61
N GLY A 26 -3.39 -28.24 -10.93
CA GLY A 26 -3.77 -27.76 -12.26
C GLY A 26 -4.99 -26.85 -12.34
N ALA A 27 -5.33 -26.20 -11.23
CA ALA A 27 -6.31 -25.13 -11.27
C ALA A 27 -5.99 -24.21 -12.45
N GLY A 28 -7.01 -23.86 -13.23
CA GLY A 28 -6.82 -23.05 -14.41
C GLY A 28 -6.99 -21.57 -14.13
N HIS A 29 -6.33 -20.73 -14.93
CA HIS A 29 -6.48 -19.27 -14.83
C HIS A 29 -7.79 -18.80 -15.48
N ASP A 30 -8.47 -17.86 -14.82
CA ASP A 30 -9.61 -17.19 -15.41
C ASP A 30 -9.61 -15.79 -14.83
N GLY A 31 -9.17 -14.80 -15.61
CA GLY A 31 -8.92 -13.47 -15.07
C GLY A 31 -7.97 -13.58 -13.90
N PHE A 32 -8.27 -12.88 -12.80
CA PHE A 32 -7.35 -12.88 -11.65
C PHE A 32 -7.73 -13.97 -10.65
N THR A 33 -8.36 -15.00 -11.19
CA THR A 33 -9.02 -15.99 -10.40
C THR A 33 -8.41 -17.34 -10.79
N TYR A 34 -8.62 -18.38 -9.98
CA TYR A 34 -8.32 -19.74 -10.41
C TYR A 34 -9.62 -20.57 -10.48
N THR A 35 -9.68 -21.46 -11.48
CA THR A 35 -10.85 -22.32 -11.67
C THR A 35 -10.69 -23.63 -10.90
N GLY A 36 -11.83 -24.23 -10.58
CA GLY A 36 -11.86 -25.61 -10.11
C GLY A 36 -12.01 -25.77 -8.62
N SER A 37 -12.03 -27.04 -8.21
CA SER A 37 -12.19 -27.42 -6.84
C SER A 37 -10.99 -27.02 -6.00
N THR A 38 -11.24 -26.64 -4.76
CA THR A 38 -10.18 -26.44 -3.83
C THR A 38 -9.65 -27.81 -3.41
N VAL A 39 -8.44 -27.83 -2.86
CA VAL A 39 -7.84 -29.05 -2.35
C VAL A 39 -7.53 -28.89 -0.86
N THR A 40 -7.04 -27.71 -0.47
CA THR A 40 -6.62 -27.45 0.89
C THR A 40 -7.80 -27.14 1.79
N GLU A 41 -7.85 -27.79 2.94
CA GLU A 41 -8.92 -27.56 3.91
C GLU A 41 -8.97 -26.11 4.36
N GLY A 42 -10.19 -25.62 4.58
CA GLY A 42 -10.39 -24.23 4.92
C GLY A 42 -10.77 -23.35 3.74
N PHE A 43 -10.25 -23.67 2.56
CA PHE A 43 -10.44 -22.84 1.36
C PHE A 43 -11.81 -23.06 0.77
N THR A 44 -12.45 -21.98 0.36
CA THR A 44 -13.74 -22.12 -0.33
C THR A 44 -13.61 -21.84 -1.83
N GLN A 45 -12.59 -21.08 -2.21
CA GLN A 45 -12.18 -20.97 -3.62
C GLN A 45 -10.68 -21.12 -3.63
N VAL A 46 -10.13 -21.42 -4.81
CA VAL A 46 -8.71 -21.59 -4.94
C VAL A 46 -7.94 -20.30 -4.64
N ARG A 47 -8.47 -19.17 -5.09
CA ARG A 47 -7.97 -17.85 -4.69
C ARG A 47 -9.01 -17.10 -3.86
N GLN A 48 -8.65 -16.69 -2.65
CA GLN A 48 -9.53 -15.83 -1.84
C GLN A 48 -8.76 -14.66 -1.25
N LYS A 49 -9.50 -13.70 -0.71
CA LYS A 49 -8.88 -12.52 -0.12
C LYS A 49 -7.88 -12.94 0.97
N GLY A 50 -6.70 -12.33 0.97
CA GLY A 50 -5.77 -12.54 2.08
C GLY A 50 -6.35 -11.81 3.27
N GLU A 51 -6.12 -12.32 4.47
CA GLU A 51 -6.76 -11.73 5.66
C GLU A 51 -5.76 -11.41 6.74
N SER A 52 -6.05 -10.35 7.48
CA SER A 52 -5.20 -9.92 8.59
C SER A 52 -6.08 -9.81 9.82
N ILE A 53 -5.45 -9.65 10.98
CA ILE A 53 -6.18 -9.20 12.15
C ILE A 53 -5.39 -8.04 12.73
N SER A 54 -6.01 -6.87 12.74
CA SER A 54 -5.41 -5.77 13.44
C SER A 54 -5.57 -6.00 14.92
N VAL A 55 -4.45 -5.97 15.64
CA VAL A 55 -4.45 -6.04 17.11
C VAL A 55 -4.10 -4.66 17.66
N LEU A 56 -5.03 -4.08 18.42
CA LEU A 56 -4.84 -2.80 19.09
C LEU A 56 -4.72 -3.01 20.59
N LEU A 57 -3.65 -2.47 21.16
CA LEU A 57 -3.47 -2.49 22.60
C LEU A 57 -3.63 -1.07 23.13
N VAL A 58 -4.75 -0.82 23.82
CA VAL A 58 -4.96 0.48 24.43
C VAL A 58 -4.15 0.54 25.71
N LEU A 59 -3.29 1.55 25.82
CA LEU A 59 -2.45 1.77 26.99
C LEU A 59 -3.15 2.69 27.96
N GLU A 60 -2.74 2.67 29.23
CA GLU A 60 -3.38 3.48 30.27
C GLU A 60 -3.38 4.95 29.92
N ASP A 61 -2.37 5.39 29.19
CA ASP A 61 -2.27 6.83 28.87
C ASP A 61 -3.15 7.24 27.67
N GLY A 62 -3.90 6.28 27.13
CA GLY A 62 -4.78 6.56 26.00
C GLY A 62 -4.16 6.26 24.63
N GLN A 63 -2.85 6.04 24.58
CA GLN A 63 -2.21 5.66 23.32
C GLN A 63 -2.69 4.29 22.87
N VAL A 64 -2.60 4.04 21.56
CA VAL A 64 -3.03 2.76 21.02
C VAL A 64 -1.89 2.19 20.19
N ALA A 65 -1.40 1.03 20.63
CA ALA A 65 -0.38 0.31 19.90
C ALA A 65 -1.06 -0.58 18.85
N HIS A 66 -0.37 -0.87 17.76
CA HIS A 66 -1.01 -1.48 16.60
C HIS A 66 -0.04 -2.41 15.88
N GLY A 67 -0.40 -3.69 15.87
CA GLY A 67 0.26 -4.69 15.04
C GLY A 67 -0.78 -5.44 14.25
N ASP A 68 -0.36 -6.03 13.13
CA ASP A 68 -1.26 -6.81 12.28
C ASP A 68 -0.82 -8.26 12.17
N CYS A 69 -1.72 -9.18 12.53
CA CYS A 69 -1.54 -10.59 12.25
C CYS A 69 -1.68 -10.81 10.74
N ALA A 70 -0.79 -11.60 10.16
CA ALA A 70 -0.88 -11.93 8.74
C ALA A 70 -0.05 -13.17 8.44
N ALA A 71 -0.38 -13.80 7.32
CA ALA A 71 0.27 -15.01 6.91
C ALA A 71 0.69 -14.92 5.43
N VAL A 72 1.45 -15.91 4.99
CA VAL A 72 1.92 -15.98 3.59
C VAL A 72 0.75 -16.18 2.61
N GLN A 73 1.03 -15.97 1.33
CA GLN A 73 0.11 -16.27 0.24
C GLN A 73 -0.39 -17.70 0.32
N TYR A 74 0.52 -18.66 0.53
CA TYR A 74 0.12 -20.05 0.52
C TYR A 74 -0.17 -20.50 1.92
N SER A 75 -1.05 -19.76 2.59
CA SER A 75 -1.45 -20.10 3.94
C SER A 75 -2.13 -21.49 3.93
N GLY A 76 -1.79 -22.32 4.90
CA GLY A 76 -2.35 -23.67 4.99
C GLY A 76 -1.72 -24.68 4.06
N ALA A 77 -0.66 -24.30 3.35
CA ALA A 77 0.04 -25.25 2.47
C ALA A 77 0.88 -26.23 3.30
N GLY A 78 1.60 -27.10 2.60
CA GLY A 78 2.47 -28.10 3.22
C GLY A 78 3.41 -27.45 4.22
N GLY A 79 3.36 -27.94 5.46
CA GLY A 79 4.25 -27.49 6.53
C GLY A 79 3.85 -26.18 7.18
N ARG A 80 2.71 -25.64 6.78
CA ARG A 80 2.29 -24.34 7.30
C ARG A 80 1.09 -24.49 8.21
N ASP A 81 0.93 -23.50 9.10
CA ASP A 81 -0.23 -23.44 9.98
C ASP A 81 -1.50 -23.28 9.13
N PRO A 82 -2.67 -23.61 9.69
CA PRO A 82 -3.90 -23.59 8.87
C PRO A 82 -4.23 -22.24 8.25
N LEU A 83 -5.05 -22.27 7.20
CA LEU A 83 -5.52 -21.08 6.51
C LEU A 83 -5.89 -19.97 7.47
N PHE A 84 -5.27 -18.81 7.29
CA PHE A 84 -5.39 -17.76 8.32
C PHE A 84 -6.63 -16.86 8.15
N LEU A 85 -7.79 -17.41 8.48
CA LEU A 85 -9.02 -16.69 8.38
C LEU A 85 -9.21 -15.88 9.67
N ALA A 86 -9.44 -14.59 9.54
CA ALA A 86 -9.68 -13.77 10.74
C ALA A 86 -10.76 -14.39 11.64
N LYS A 87 -11.88 -14.81 11.04
CA LYS A 87 -13.00 -15.41 11.79
C LYS A 87 -12.58 -16.64 12.61
N ASP A 88 -11.60 -17.42 12.12
CA ASP A 88 -11.13 -18.60 12.86
C ASP A 88 -10.20 -18.22 14.01
N PHE A 89 -9.58 -17.05 13.91
CA PHE A 89 -8.52 -16.71 14.86
C PHE A 89 -8.76 -15.54 15.78
N ILE A 90 -9.67 -14.63 15.41
CA ILE A 90 -10.03 -13.55 16.33
C ILE A 90 -10.51 -14.14 17.68
N PRO A 91 -11.36 -15.21 17.64
CA PRO A 91 -11.82 -15.75 18.93
C PRO A 91 -10.72 -16.31 19.80
N VAL A 92 -9.66 -16.86 19.18
CA VAL A 92 -8.54 -17.41 19.92
C VAL A 92 -7.87 -16.28 20.67
N ILE A 93 -7.52 -15.21 19.96
CA ILE A 93 -6.88 -14.06 20.56
C ILE A 93 -7.76 -13.56 21.71
N GLU A 94 -9.05 -13.35 21.44
CA GLU A 94 -9.98 -12.77 22.42
C GLU A 94 -10.11 -13.61 23.69
N LYS A 95 -10.15 -14.93 23.53
CA LYS A 95 -10.31 -15.81 24.66
C LYS A 95 -9.00 -16.13 25.38
N GLU A 96 -7.94 -16.40 24.63
CA GLU A 96 -6.72 -16.94 25.23
C GLU A 96 -5.64 -15.89 25.46
N ILE A 97 -5.63 -14.84 24.66
CA ILE A 97 -4.52 -13.91 24.69
C ILE A 97 -4.88 -12.59 25.34
N ALA A 98 -5.99 -12.00 24.94
CA ALA A 98 -6.40 -10.70 25.47
C ALA A 98 -6.39 -10.67 27.01
N PRO A 99 -6.92 -11.74 27.67
CA PRO A 99 -6.89 -11.69 29.13
C PRO A 99 -5.46 -11.64 29.69
N LYS A 100 -4.48 -12.13 28.95
CA LYS A 100 -3.09 -12.09 29.39
C LYS A 100 -2.46 -10.73 29.13
N LEU A 101 -3.01 -9.97 28.18
CA LEU A 101 -2.48 -8.66 27.86
C LEU A 101 -3.14 -7.56 28.69
N ILE A 102 -4.44 -7.69 28.93
CA ILE A 102 -5.19 -6.72 29.70
C ILE A 102 -4.67 -6.76 31.15
N GLY A 103 -4.16 -5.62 31.59
CA GLY A 103 -3.64 -5.51 32.94
C GLY A 103 -2.14 -5.76 32.93
N ARG A 104 -1.60 -6.07 31.76
CA ARG A 104 -0.20 -6.45 31.67
C ARG A 104 0.70 -5.21 31.74
N GLU A 105 1.73 -5.27 32.57
CA GLU A 105 2.69 -4.18 32.70
C GLU A 105 3.63 -4.17 31.48
N ILE A 106 3.82 -3.00 30.88
CA ILE A 106 4.82 -2.81 29.84
C ILE A 106 6.20 -2.75 30.49
N THR A 107 7.00 -3.77 30.19
CA THR A 107 8.31 -3.89 30.82
C THR A 107 9.36 -3.61 29.74
N ASN A 108 9.90 -4.66 29.13
CA ASN A 108 10.80 -4.51 27.99
C ASN A 108 10.24 -5.34 26.86
N PHE A 109 10.58 -5.03 25.62
CA PHE A 109 10.02 -5.77 24.50
C PHE A 109 10.36 -7.26 24.54
N LYS A 110 11.64 -7.56 24.69
CA LYS A 110 12.15 -8.93 24.58
C LYS A 110 11.44 -9.96 25.49
N PRO A 111 11.42 -9.73 26.81
CA PRO A 111 10.73 -10.71 27.63
C PRO A 111 9.24 -10.81 27.30
N MET A 112 8.59 -9.70 26.96
CA MET A 112 7.16 -9.74 26.62
C MET A 112 6.93 -10.53 25.34
N ALA A 113 7.73 -10.24 24.34
CA ALA A 113 7.57 -10.87 23.01
C ALA A 113 7.82 -12.35 23.12
N GLU A 114 8.84 -12.72 23.89
CA GLU A 114 9.16 -14.14 24.06
C GLU A 114 8.05 -14.90 24.74
N GLU A 115 7.45 -14.30 25.75
CA GLU A 115 6.36 -14.94 26.46
C GLU A 115 5.21 -15.19 25.52
N PHE A 116 4.83 -14.19 24.73
CA PHE A 116 3.68 -14.36 23.83
C PHE A 116 3.98 -15.21 22.61
N ASP A 117 5.23 -15.22 22.19
CA ASP A 117 5.65 -16.08 21.09
C ASP A 117 5.58 -17.56 21.50
N LYS A 118 5.87 -17.82 22.78
CA LYS A 118 5.99 -19.21 23.27
C LYS A 118 4.75 -19.75 23.96
N MET A 119 3.83 -18.86 24.35
CA MET A 119 2.67 -19.29 25.12
C MET A 119 1.86 -20.37 24.41
N THR A 120 1.22 -21.23 25.19
CA THR A 120 0.44 -22.31 24.63
C THR A 120 -1.02 -22.18 25.01
N VAL A 121 -1.87 -22.82 24.20
CA VAL A 121 -3.29 -22.92 24.44
C VAL A 121 -3.58 -24.41 24.37
N ASN A 122 -4.07 -24.96 25.48
CA ASN A 122 -4.28 -26.39 25.63
C ASN A 122 -3.07 -27.20 25.15
N GLY A 123 -1.88 -26.72 25.49
CA GLY A 123 -0.65 -27.42 25.12
C GLY A 123 -0.12 -27.15 23.73
N ASN A 124 -0.91 -26.52 22.86
CA ASN A 124 -0.47 -26.25 21.50
C ASN A 124 0.06 -24.83 21.33
N ARG A 125 1.14 -24.69 20.56
CA ARG A 125 1.64 -23.38 20.17
C ARG A 125 0.58 -22.59 19.40
N LEU A 126 0.68 -21.26 19.44
CA LEU A 126 -0.22 -20.40 18.68
C LEU A 126 0.12 -20.38 17.18
N HIS A 127 -0.88 -20.13 16.35
CA HIS A 127 -0.67 -19.87 14.92
C HIS A 127 0.46 -18.84 14.77
N THR A 128 1.35 -19.10 13.81
CA THR A 128 2.47 -18.18 13.53
C THR A 128 1.99 -16.75 13.33
N ALA A 129 0.85 -16.60 12.63
CA ALA A 129 0.34 -15.28 12.27
C ALA A 129 -0.16 -14.49 13.49
N ILE A 130 -0.66 -15.21 14.50
CA ILE A 130 -1.12 -14.58 15.74
C ILE A 130 0.09 -14.06 16.49
N ARG A 131 1.13 -14.88 16.59
CA ARG A 131 2.36 -14.51 17.28
C ARG A 131 2.98 -13.33 16.54
N TYR A 132 2.94 -13.37 15.20
CA TYR A 132 3.40 -12.26 14.38
C TYR A 132 2.73 -10.94 14.75
N GLY A 133 1.39 -10.92 14.78
CA GLY A 133 0.69 -9.65 15.04
C GLY A 133 0.74 -9.20 16.49
N ILE A 134 0.64 -10.15 17.41
CA ILE A 134 0.65 -9.83 18.84
C ILE A 134 1.96 -9.15 19.20
N THR A 135 3.08 -9.73 18.75
CA THR A 135 4.41 -9.23 19.10
C THR A 135 4.74 -7.91 18.44
N GLN A 136 4.29 -7.71 17.20
CA GLN A 136 4.29 -6.35 16.62
C GLN A 136 3.61 -5.35 17.51
N ALA A 137 2.42 -5.68 17.98
CA ALA A 137 1.67 -4.75 18.80
C ALA A 137 2.41 -4.48 20.12
N ILE A 138 3.05 -5.50 20.66
CA ILE A 138 3.86 -5.34 21.86
C ILE A 138 5.06 -4.38 21.62
N LEU A 139 5.75 -4.58 20.52
CA LEU A 139 6.85 -3.72 20.13
C LEU A 139 6.39 -2.26 20.08
N ASP A 140 5.30 -2.01 19.35
CA ASP A 140 4.74 -0.68 19.24
C ASP A 140 4.34 -0.14 20.62
N ALA A 141 3.82 -1.01 21.48
CA ALA A 141 3.46 -0.62 22.85
C ALA A 141 4.69 -0.15 23.64
N VAL A 142 5.81 -0.87 23.49
CA VAL A 142 7.04 -0.53 24.20
C VAL A 142 7.55 0.80 23.64
N ALA A 143 7.62 0.90 22.31
CA ALA A 143 8.07 2.13 21.66
C ALA A 143 7.24 3.33 22.14
N LYS A 144 5.92 3.17 22.26
CA LYS A 144 5.04 4.29 22.63
C LYS A 144 5.16 4.62 24.08
N THR A 145 5.33 3.61 24.92
CA THR A 145 5.61 3.86 26.34
C THR A 145 6.91 4.66 26.54
N ARG A 146 7.95 4.29 25.80
CA ARG A 146 9.25 4.92 25.92
C ARG A 146 9.40 6.23 25.14
N LYS A 147 8.44 6.51 24.26
CA LYS A 147 8.47 7.70 23.37
C LYS A 147 9.67 7.67 22.41
N VAL A 148 9.92 6.49 21.82
CA VAL A 148 10.96 6.32 20.81
C VAL A 148 10.39 5.49 19.65
N THR A 149 11.20 5.25 18.63
CA THR A 149 10.73 4.44 17.49
C THR A 149 10.84 2.98 17.84
N MET A 150 10.09 2.14 17.14
CA MET A 150 10.27 0.68 17.28
C MET A 150 11.72 0.26 16.98
N ALA A 151 12.31 0.88 15.97
CA ALA A 151 13.71 0.59 15.64
C ALA A 151 14.60 0.84 16.83
N GLU A 152 14.36 1.93 17.54
CA GLU A 152 15.17 2.23 18.73
C GLU A 152 15.01 1.19 19.85
N VAL A 153 13.79 0.72 20.08
CA VAL A 153 13.57 -0.32 21.07
C VAL A 153 14.37 -1.58 20.72
N ILE A 154 14.24 -2.02 19.46
CA ILE A 154 14.95 -3.23 19.02
C ILE A 154 16.47 -3.04 19.09
N ARG A 155 16.96 -1.88 18.66
CA ARG A 155 18.40 -1.60 18.72
C ARG A 155 18.85 -1.69 20.17
N ASP A 156 18.11 -1.04 21.07
CA ASP A 156 18.47 -1.06 22.47
C ASP A 156 18.53 -2.47 23.07
N GLU A 157 17.57 -3.30 22.71
CA GLU A 157 17.45 -4.63 23.30
C GLU A 157 18.18 -5.75 22.55
N TYR A 158 18.54 -5.51 21.27
CA TYR A 158 19.21 -6.55 20.48
C TYR A 158 20.54 -6.15 19.83
N ASN A 159 20.75 -4.84 19.68
CA ASN A 159 21.93 -4.33 18.98
C ASN A 159 22.47 -3.10 19.74
N PRO A 160 22.76 -3.25 21.05
CA PRO A 160 23.08 -2.06 21.86
C PRO A 160 24.26 -1.27 21.31
N GLY A 161 24.13 0.05 21.30
CA GLY A 161 25.23 0.92 20.88
C GLY A 161 25.38 1.10 19.38
N ALA A 162 24.66 0.33 18.58
CA ALA A 162 24.74 0.49 17.14
C ALA A 162 23.99 1.73 16.65
N GLU A 163 24.46 2.32 15.56
CA GLU A 163 23.71 3.34 14.84
C GLU A 163 22.57 2.68 14.04
N ILE A 164 21.50 3.44 13.81
CA ILE A 164 20.40 2.96 12.98
C ILE A 164 20.47 3.75 11.68
N ASN A 165 20.69 3.03 10.59
CA ASN A 165 20.88 3.66 9.29
C ASN A 165 19.84 3.12 8.34
N ALA A 166 19.77 3.71 7.16
CA ALA A 166 18.91 3.16 6.11
C ALA A 166 19.34 1.73 5.76
N VAL A 167 18.40 0.95 5.26
CA VAL A 167 18.67 -0.40 4.79
C VAL A 167 18.24 -0.49 3.33
N PRO A 168 19.08 -1.11 2.46
CA PRO A 168 18.65 -1.32 1.08
C PRO A 168 17.27 -1.96 0.98
N VAL A 169 16.40 -1.37 0.18
CA VAL A 169 15.08 -1.91 -0.05
C VAL A 169 15.08 -2.81 -1.30
N PHE A 170 14.57 -4.04 -1.16
CA PHE A 170 14.48 -5.02 -2.26
C PHE A 170 13.04 -5.12 -2.74
N ALA A 171 12.82 -4.79 -4.00
CA ALA A 171 11.50 -4.90 -4.63
C ALA A 171 11.35 -6.15 -5.53
N GLN A 172 10.18 -6.77 -5.50
CA GLN A 172 9.93 -7.97 -6.28
C GLN A 172 8.95 -7.72 -7.42
N SER A 173 9.15 -8.39 -8.55
CA SER A 173 8.44 -8.10 -9.79
C SER A 173 7.24 -8.99 -10.08
N GLY A 174 7.25 -10.19 -9.51
CA GLY A 174 6.36 -11.25 -9.97
C GLY A 174 6.72 -11.59 -11.42
N ASP A 175 5.74 -12.15 -12.15
CA ASP A 175 5.93 -12.52 -13.56
C ASP A 175 6.04 -11.34 -14.52
N ASP A 176 5.63 -10.16 -14.06
CA ASP A 176 5.65 -8.94 -14.87
C ASP A 176 7.04 -8.36 -14.71
N ARG A 177 8.04 -9.11 -15.20
CA ARG A 177 9.42 -8.87 -14.83
C ARG A 177 10.11 -7.81 -15.70
N TYR A 178 9.34 -7.20 -16.60
CA TYR A 178 9.83 -6.11 -17.43
C TYR A 178 9.25 -4.77 -16.98
N ASP A 179 7.94 -4.61 -17.08
CA ASP A 179 7.31 -3.38 -16.63
C ASP A 179 7.49 -3.08 -15.13
N ASN A 180 7.45 -4.09 -14.28
CA ASN A 180 7.78 -3.88 -12.89
C ASN A 180 9.25 -3.51 -12.67
N VAL A 181 10.14 -3.97 -13.55
CA VAL A 181 11.52 -3.48 -13.49
C VAL A 181 11.53 -1.97 -13.77
N ASP A 182 10.78 -1.51 -14.77
CA ASP A 182 10.70 -0.05 -15.05
C ASP A 182 10.26 0.71 -13.80
N LYS A 183 9.19 0.24 -13.15
CA LYS A 183 8.74 0.83 -11.88
C LYS A 183 9.85 0.93 -10.87
N MET A 184 10.58 -0.18 -10.69
CA MET A 184 11.63 -0.24 -9.67
C MET A 184 12.77 0.71 -9.95
N ILE A 185 13.14 0.84 -11.21
CA ILE A 185 14.19 1.79 -11.60
C ILE A 185 13.74 3.21 -11.27
N ILE A 186 12.55 3.56 -11.70
CA ILE A 186 11.98 4.88 -11.41
C ILE A 186 11.86 5.15 -9.90
N LYS A 187 11.49 4.13 -9.11
CA LYS A 187 11.43 4.33 -7.64
C LYS A 187 12.79 4.12 -6.97
N GLU A 188 13.82 3.84 -7.77
CA GLU A 188 15.19 3.66 -7.26
C GLU A 188 15.31 2.56 -6.19
N ALA A 189 14.70 1.41 -6.47
CA ALA A 189 14.90 0.25 -5.62
C ALA A 189 16.40 0.01 -5.48
N ASP A 190 16.84 -0.28 -4.26
CA ASP A 190 18.26 -0.52 -4.04
C ASP A 190 18.65 -1.90 -4.54
N VAL A 191 17.68 -2.80 -4.51
CA VAL A 191 17.88 -4.20 -4.83
C VAL A 191 16.64 -4.61 -5.62
N LEU A 192 16.85 -5.36 -6.70
CA LEU A 192 15.77 -5.73 -7.60
C LEU A 192 16.19 -6.87 -8.52
N PRO A 193 15.23 -7.45 -9.27
CA PRO A 193 13.78 -7.43 -9.21
C PRO A 193 13.10 -8.70 -8.68
N HIS A 194 13.88 -9.65 -8.20
CA HIS A 194 13.39 -11.02 -7.88
C HIS A 194 13.14 -11.82 -9.16
N ALA A 195 12.16 -11.39 -9.95
CA ALA A 195 11.95 -11.89 -11.33
C ALA A 195 11.22 -13.22 -11.45
N LEU A 196 10.97 -13.87 -10.31
CA LEU A 196 10.14 -15.07 -10.28
C LEU A 196 10.54 -16.11 -11.36
N ILE A 197 11.81 -16.48 -11.36
CA ILE A 197 12.34 -17.48 -12.31
C ILE A 197 12.05 -18.87 -11.73
N ASN A 198 10.79 -19.29 -11.86
CA ASN A 198 10.32 -20.50 -11.19
C ASN A 198 10.01 -21.64 -12.17
N ASN A 199 10.59 -21.59 -13.36
CA ASN A 199 10.40 -22.62 -14.37
C ASN A 199 11.66 -22.74 -15.21
N VAL A 200 12.19 -23.96 -15.37
CA VAL A 200 13.42 -24.17 -16.12
C VAL A 200 13.26 -23.78 -17.59
N GLU A 201 12.33 -24.44 -18.29
CA GLU A 201 12.24 -24.31 -19.74
C GLU A 201 11.73 -22.93 -20.16
N GLU A 202 10.75 -22.41 -19.44
CA GLU A 202 10.09 -21.18 -19.87
C GLU A 202 10.76 -19.91 -19.34
N LYS A 203 11.47 -20.02 -18.23
CA LYS A 203 12.04 -18.84 -17.59
C LYS A 203 13.56 -18.83 -17.47
N LEU A 204 14.14 -19.97 -17.11
CA LEU A 204 15.59 -20.04 -17.03
C LEU A 204 16.16 -20.31 -18.41
N GLY A 205 15.48 -21.16 -19.17
CA GLY A 205 16.06 -21.76 -20.36
C GLY A 205 16.72 -23.05 -19.92
N LEU A 206 16.68 -24.06 -20.79
CA LEU A 206 17.19 -25.38 -20.43
C LEU A 206 18.69 -25.34 -20.19
N LYS A 207 19.35 -24.37 -20.83
CA LYS A 207 20.78 -24.17 -20.66
C LYS A 207 21.05 -22.82 -20.00
N GLY A 208 20.02 -22.27 -19.35
CA GLY A 208 20.11 -21.00 -18.64
C GLY A 208 20.14 -19.78 -19.55
N GLU A 209 19.91 -20.00 -20.83
CA GLU A 209 20.04 -18.93 -21.83
C GLU A 209 18.98 -17.82 -21.73
N LYS A 210 17.79 -18.13 -21.21
CA LYS A 210 16.74 -17.12 -21.07
C LYS A 210 17.03 -16.15 -19.93
N LEU A 211 17.49 -16.68 -18.81
CA LEU A 211 17.89 -15.81 -17.71
C LEU A 211 19.12 -14.99 -18.06
N LEU A 212 20.06 -15.57 -18.80
CA LEU A 212 21.23 -14.80 -19.29
C LEU A 212 20.77 -13.58 -20.11
N GLU A 213 19.87 -13.81 -21.07
CA GLU A 213 19.26 -12.74 -21.87
C GLU A 213 18.58 -11.69 -20.98
N TYR A 214 17.83 -12.16 -19.97
CA TYR A 214 17.10 -11.29 -19.03
C TYR A 214 18.03 -10.40 -18.21
N VAL A 215 19.12 -10.98 -17.72
CA VAL A 215 20.12 -10.23 -16.97
C VAL A 215 20.72 -9.12 -17.85
N LYS A 216 21.03 -9.44 -19.10
CA LYS A 216 21.51 -8.44 -20.06
C LYS A 216 20.46 -7.34 -20.31
N TRP A 217 19.21 -7.74 -20.50
CA TRP A 217 18.10 -6.80 -20.64
C TRP A 217 18.00 -5.88 -19.42
N LEU A 218 18.02 -6.50 -18.24
CA LEU A 218 17.95 -5.79 -16.96
C LEU A 218 19.06 -4.75 -16.84
N ARG A 219 20.29 -5.19 -17.12
CA ARG A 219 21.46 -4.31 -17.12
C ARG A 219 21.20 -3.10 -18.01
N ASP A 220 20.84 -3.37 -19.26
CA ASP A 220 20.67 -2.28 -20.24
C ASP A 220 19.51 -1.35 -19.87
N ARG A 221 18.46 -1.92 -19.26
CA ARG A 221 17.25 -1.16 -18.93
C ARG A 221 17.54 -0.15 -17.82
N ILE A 222 18.31 -0.59 -16.83
CA ILE A 222 18.70 0.30 -15.74
C ILE A 222 19.51 1.47 -16.27
N ILE A 223 20.48 1.17 -17.10
CA ILE A 223 21.33 2.21 -17.69
C ILE A 223 20.48 3.16 -18.56
N LYS A 224 19.52 2.61 -19.27
CA LYS A 224 18.68 3.44 -20.15
C LYS A 224 17.78 4.41 -19.37
N LEU A 225 17.16 3.92 -18.30
CA LEU A 225 16.05 4.60 -17.65
C LEU A 225 16.42 5.40 -16.40
N ARG A 226 17.55 5.05 -15.76
CA ARG A 226 17.93 5.71 -14.51
C ARG A 226 18.03 7.23 -14.63
N VAL A 227 17.44 7.92 -13.66
CA VAL A 227 17.52 9.40 -13.64
C VAL A 227 18.93 9.87 -13.29
N ARG A 228 19.56 9.20 -12.32
CA ARG A 228 20.93 9.53 -11.91
C ARG A 228 21.87 8.48 -12.48
N GLU A 229 22.99 8.92 -13.03
CA GLU A 229 24.00 8.03 -13.57
C GLU A 229 24.63 7.14 -12.48
N ASP A 230 24.67 7.64 -11.25
CA ASP A 230 25.26 6.84 -10.19
C ASP A 230 24.25 5.97 -9.45
N TYR A 231 23.05 5.82 -10.02
CA TYR A 231 22.10 4.82 -9.52
C TYR A 231 22.61 3.45 -9.95
N ALA A 232 23.05 2.67 -8.98
CA ALA A 232 23.65 1.36 -9.27
C ALA A 232 23.08 0.33 -8.31
N PRO A 233 21.92 -0.24 -8.67
CA PRO A 233 21.26 -1.19 -7.81
C PRO A 233 21.92 -2.58 -7.85
N ILE A 234 21.68 -3.36 -6.81
CA ILE A 234 22.16 -4.72 -6.77
C ILE A 234 21.10 -5.61 -7.40
N PHE A 235 21.51 -6.54 -8.28
CA PHE A 235 20.57 -7.50 -8.83
C PHE A 235 20.31 -8.60 -7.80
N HIS A 236 19.04 -9.00 -7.66
CA HIS A 236 18.69 -10.12 -6.79
C HIS A 236 17.61 -10.88 -7.51
N ILE A 237 18.00 -12.04 -8.05
CA ILE A 237 17.15 -12.86 -8.89
C ILE A 237 16.97 -14.23 -8.25
N ASP A 238 15.71 -14.61 -8.05
CA ASP A 238 15.32 -15.89 -7.46
C ASP A 238 15.04 -16.91 -8.54
N VAL A 239 15.80 -18.00 -8.54
CA VAL A 239 15.66 -19.03 -9.57
C VAL A 239 14.96 -20.33 -9.11
N TYR A 240 14.51 -20.36 -7.85
CA TYR A 240 13.64 -21.46 -7.39
C TYR A 240 14.25 -22.85 -7.64
N GLY A 241 15.56 -22.95 -7.46
CA GLY A 241 16.27 -24.21 -7.63
C GLY A 241 16.49 -24.67 -9.06
N THR A 242 16.09 -23.84 -10.02
CA THR A 242 16.10 -24.26 -11.41
C THR A 242 17.52 -24.31 -11.97
N ILE A 243 18.44 -23.58 -11.34
CA ILE A 243 19.83 -23.68 -11.76
C ILE A 243 20.34 -25.07 -11.37
N GLY A 244 20.00 -25.51 -10.17
CA GLY A 244 20.27 -26.89 -9.76
C GLY A 244 19.70 -27.88 -10.76
N ALA A 245 18.44 -27.67 -11.13
CA ALA A 245 17.73 -28.56 -12.04
C ALA A 245 18.39 -28.59 -13.42
N ALA A 246 18.68 -27.42 -14.00
CA ALA A 246 19.28 -27.35 -15.34
C ALA A 246 20.66 -27.97 -15.42
N PHE A 247 21.39 -27.94 -14.31
CA PHE A 247 22.80 -28.34 -14.32
C PHE A 247 23.08 -29.54 -13.40
N ASP A 248 22.04 -30.32 -13.14
CA ASP A 248 22.12 -31.53 -12.28
C ASP A 248 22.87 -31.32 -10.96
N VAL A 249 22.69 -30.14 -10.36
CA VAL A 249 23.34 -29.75 -9.10
C VAL A 249 24.86 -29.93 -9.12
N ASP A 250 25.46 -29.81 -10.30
CA ASP A 250 26.91 -29.93 -10.46
C ASP A 250 27.53 -28.62 -9.97
N ILE A 251 28.35 -28.69 -8.92
CA ILE A 251 28.88 -27.47 -8.31
C ILE A 251 29.64 -26.60 -9.32
N LYS A 252 30.55 -27.20 -10.09
CA LYS A 252 31.29 -26.45 -11.10
C LYS A 252 30.39 -25.90 -12.23
N ALA A 253 29.51 -26.74 -12.78
CA ALA A 253 28.60 -26.31 -13.85
C ALA A 253 27.73 -25.13 -13.38
N MET A 254 27.24 -25.21 -12.15
CA MET A 254 26.41 -24.17 -11.57
C MET A 254 27.23 -22.90 -11.37
N ALA A 255 28.46 -23.06 -10.87
CA ALA A 255 29.34 -21.92 -10.66
C ALA A 255 29.72 -21.27 -11.98
N ASP A 256 30.05 -22.10 -12.99
CA ASP A 256 30.37 -21.59 -14.34
C ASP A 256 29.22 -20.74 -14.89
N TYR A 257 28.00 -21.23 -14.74
CA TYR A 257 26.84 -20.54 -15.27
C TYR A 257 26.58 -19.22 -14.54
N ILE A 258 26.63 -19.27 -13.22
CA ILE A 258 26.46 -18.07 -12.39
C ILE A 258 27.54 -17.03 -12.70
N GLN A 259 28.77 -17.49 -12.99
CA GLN A 259 29.81 -16.58 -13.48
C GLN A 259 29.40 -15.85 -14.77
N THR A 260 28.86 -16.56 -15.76
CA THR A 260 28.35 -15.89 -16.96
C THR A 260 27.25 -14.88 -16.64
N LEU A 261 26.40 -15.17 -15.65
CA LEU A 261 25.41 -14.17 -15.18
C LEU A 261 26.07 -12.96 -14.53
N ALA A 262 27.08 -13.18 -13.70
CA ALA A 262 27.78 -12.06 -13.04
C ALA A 262 28.43 -11.18 -14.10
N GLU A 263 29.01 -11.83 -15.10
CA GLU A 263 29.67 -11.13 -16.20
C GLU A 263 28.65 -10.36 -17.02
N ALA A 264 27.47 -10.94 -17.20
CA ALA A 264 26.39 -10.28 -17.93
C ALA A 264 25.82 -9.08 -17.15
N ALA A 265 25.85 -9.16 -15.81
CA ALA A 265 25.21 -8.16 -14.95
C ALA A 265 26.06 -6.91 -14.82
N LYS A 266 27.37 -7.08 -14.93
CA LYS A 266 28.33 -6.00 -14.85
C LYS A 266 27.84 -4.81 -15.68
N PRO A 267 27.86 -3.59 -15.11
CA PRO A 267 28.51 -3.17 -13.87
C PRO A 267 27.76 -3.47 -12.58
N PHE A 268 26.66 -4.22 -12.64
CA PHE A 268 25.84 -4.43 -11.44
C PHE A 268 26.17 -5.75 -10.75
N HIS A 269 26.18 -5.71 -9.42
CA HIS A 269 26.49 -6.86 -8.58
C HIS A 269 25.30 -7.79 -8.56
N LEU A 270 25.56 -9.10 -8.60
CA LEU A 270 24.51 -10.11 -8.69
C LEU A 270 24.33 -10.98 -7.46
N ARG A 271 23.08 -11.09 -7.03
CA ARG A 271 22.70 -12.07 -6.01
C ARG A 271 21.73 -13.05 -6.64
N ILE A 272 21.99 -14.35 -6.45
CA ILE A 272 21.10 -15.40 -6.90
C ILE A 272 20.46 -16.05 -5.68
N GLU A 273 19.14 -15.98 -5.61
CA GLU A 273 18.43 -16.65 -4.54
C GLU A 273 18.08 -18.05 -4.99
N GLY A 274 18.28 -19.01 -4.10
CA GLY A 274 17.84 -20.40 -4.29
C GLY A 274 18.37 -21.09 -5.56
N PRO A 275 19.70 -21.07 -5.78
CA PRO A 275 20.26 -21.66 -7.00
C PRO A 275 19.84 -23.12 -7.22
N MET A 276 19.92 -23.93 -6.17
CA MET A 276 19.40 -25.30 -6.17
C MET A 276 18.30 -25.44 -5.10
N ASP A 277 17.49 -26.48 -5.22
CA ASP A 277 16.47 -26.78 -4.23
C ASP A 277 16.43 -28.29 -4.12
N VAL A 278 17.25 -28.84 -3.22
CA VAL A 278 17.44 -30.31 -3.20
C VAL A 278 16.51 -31.03 -2.21
N GLU A 279 16.87 -32.24 -1.79
CA GLU A 279 15.93 -33.18 -1.17
C GLU A 279 15.73 -33.09 0.34
N ASP A 280 16.66 -32.47 1.04
CA ASP A 280 16.50 -32.24 2.48
C ASP A 280 17.31 -31.03 2.91
N ARG A 281 17.13 -30.60 4.16
CA ARG A 281 17.88 -29.44 4.67
C ARG A 281 19.39 -29.70 4.66
N GLN A 282 19.81 -30.89 5.07
CA GLN A 282 21.21 -31.18 5.20
C GLN A 282 21.91 -31.02 3.84
N LYS A 283 21.33 -31.64 2.81
CA LYS A 283 21.90 -31.59 1.46
C LYS A 283 21.73 -30.19 0.84
N GLN A 284 20.70 -29.47 1.26
CA GLN A 284 20.55 -28.07 0.81
C GLN A 284 21.68 -27.21 1.36
N MET A 285 21.91 -27.29 2.68
CA MET A 285 23.04 -26.60 3.31
C MET A 285 24.35 -26.95 2.60
N GLU A 286 24.56 -28.24 2.35
CA GLU A 286 25.79 -28.70 1.70
C GLU A 286 25.98 -28.13 0.31
N ALA A 287 24.92 -28.13 -0.50
CA ALA A 287 25.02 -27.61 -1.87
C ALA A 287 25.27 -26.11 -1.87
N MET A 288 24.55 -25.39 -1.01
CA MET A 288 24.70 -23.93 -0.88
C MET A 288 26.13 -23.60 -0.41
N ARG A 289 26.56 -24.31 0.65
CA ARG A 289 27.90 -24.16 1.19
C ARG A 289 28.94 -24.38 0.11
N ASP A 290 28.82 -25.50 -0.63
CA ASP A 290 29.82 -25.89 -1.60
C ASP A 290 29.82 -24.97 -2.82
N LEU A 291 28.62 -24.55 -3.24
CA LEU A 291 28.53 -23.64 -4.38
C LEU A 291 29.13 -22.30 -4.00
N ARG A 292 28.89 -21.84 -2.78
CA ARG A 292 29.52 -20.59 -2.34
C ARG A 292 31.05 -20.74 -2.30
N ALA A 293 31.53 -21.88 -1.82
CA ALA A 293 32.97 -22.10 -1.66
C ALA A 293 33.65 -22.01 -3.04
N GLU A 294 32.98 -22.57 -4.03
CA GLU A 294 33.46 -22.61 -5.41
C GLU A 294 33.51 -21.20 -5.99
N LEU A 295 32.44 -20.45 -5.80
CA LEU A 295 32.40 -19.08 -6.32
C LEU A 295 33.46 -18.21 -5.62
N ASP A 296 33.54 -18.30 -4.29
CA ASP A 296 34.50 -17.49 -3.54
C ASP A 296 35.93 -17.86 -3.93
N GLY A 297 36.18 -19.16 -4.05
CA GLY A 297 37.50 -19.67 -4.41
C GLY A 297 37.94 -19.09 -5.75
N ARG A 298 36.99 -18.94 -6.66
CA ARG A 298 37.25 -18.44 -8.01
C ARG A 298 37.25 -16.90 -8.05
N GLY A 299 36.77 -16.29 -6.97
CA GLY A 299 36.70 -14.82 -6.91
C GLY A 299 35.62 -14.25 -7.79
N VAL A 300 34.61 -15.06 -8.08
CA VAL A 300 33.42 -14.63 -8.81
C VAL A 300 32.52 -13.95 -7.79
N ASP A 301 32.36 -12.63 -7.92
CA ASP A 301 31.69 -11.84 -6.89
C ASP A 301 30.19 -11.81 -7.11
N ALA A 302 29.61 -13.00 -7.02
CA ALA A 302 28.18 -13.20 -7.10
C ALA A 302 27.77 -13.88 -5.81
N GLU A 303 26.74 -13.34 -5.16
CA GLU A 303 26.27 -13.89 -3.91
C GLU A 303 25.14 -14.90 -4.11
N LEU A 304 25.05 -15.86 -3.19
CA LEU A 304 23.92 -16.78 -3.13
C LEU A 304 23.07 -16.45 -1.93
N VAL A 305 21.75 -16.53 -2.10
CA VAL A 305 20.80 -16.19 -1.05
C VAL A 305 20.03 -17.45 -0.77
N ALA A 306 20.04 -17.86 0.50
CA ALA A 306 19.32 -19.04 0.93
C ALA A 306 17.84 -18.73 1.11
N ASP A 307 17.02 -19.74 0.88
CA ASP A 307 15.56 -19.68 1.03
C ASP A 307 15.04 -21.08 1.36
N GLU A 308 14.89 -21.92 0.33
CA GLU A 308 14.33 -23.26 0.49
C GLU A 308 15.11 -24.04 1.55
N TRP A 309 14.38 -24.70 2.45
CA TRP A 309 14.94 -25.49 3.59
C TRP A 309 15.52 -24.67 4.74
N CYS A 310 15.57 -23.35 4.57
CA CYS A 310 16.02 -22.48 5.64
C CYS A 310 14.84 -21.66 6.17
N ASN A 311 14.19 -22.17 7.20
CA ASN A 311 12.93 -21.59 7.66
C ASN A 311 12.97 -20.99 9.07
N THR A 312 13.32 -21.82 10.04
CA THR A 312 13.25 -21.48 11.45
C THR A 312 14.51 -20.76 11.86
N VAL A 313 14.51 -20.27 13.10
CA VAL A 313 15.70 -19.62 13.65
C VAL A 313 16.85 -20.64 13.74
N GLU A 314 16.51 -21.89 14.06
CA GLU A 314 17.45 -23.01 14.02
C GLU A 314 18.08 -23.16 12.65
N ASP A 315 17.25 -23.15 11.61
CA ASP A 315 17.70 -23.21 10.22
C ASP A 315 18.67 -22.07 9.87
N VAL A 316 18.30 -20.86 10.30
CA VAL A 316 19.12 -19.67 10.06
C VAL A 316 20.49 -19.86 10.70
N LYS A 317 20.49 -20.34 11.94
CA LYS A 317 21.76 -20.62 12.63
C LYS A 317 22.56 -21.70 11.87
N PHE A 318 21.88 -22.76 11.46
CA PHE A 318 22.50 -23.87 10.74
C PHE A 318 23.16 -23.41 9.44
N PHE A 319 22.39 -22.67 8.63
CA PHE A 319 22.86 -22.14 7.37
C PHE A 319 24.01 -21.16 7.60
N THR A 320 23.86 -20.31 8.62
CA THR A 320 24.92 -19.36 8.98
C THR A 320 26.21 -20.05 9.42
N ASP A 321 26.09 -21.02 10.32
CA ASP A 321 27.26 -21.68 10.88
C ASP A 321 28.11 -22.35 9.81
N ASN A 322 27.44 -22.72 8.72
CA ASN A 322 28.04 -23.49 7.64
C ASN A 322 28.30 -22.67 6.37
N LYS A 323 28.14 -21.35 6.43
CA LYS A 323 28.42 -20.50 5.27
C LYS A 323 27.68 -21.04 4.05
N ALA A 324 26.44 -21.47 4.29
CA ALA A 324 25.61 -22.06 3.26
C ALA A 324 24.94 -20.95 2.48
N GLY A 325 25.73 -20.26 1.66
CA GLY A 325 25.31 -19.04 0.95
C GLY A 325 25.95 -17.81 1.60
N HIS A 326 25.72 -16.65 0.98
CA HIS A 326 26.25 -15.36 1.44
C HIS A 326 25.23 -14.54 2.23
N MET A 327 23.95 -14.85 2.04
CA MET A 327 22.87 -14.12 2.67
C MET A 327 21.74 -15.13 2.90
N VAL A 328 21.07 -14.97 4.02
CA VAL A 328 19.96 -15.84 4.39
C VAL A 328 18.71 -15.00 4.43
N GLN A 329 17.61 -15.54 3.87
CA GLN A 329 16.31 -14.88 3.94
C GLN A 329 15.65 -15.15 5.29
N ILE A 330 15.36 -14.07 5.99
CA ILE A 330 14.71 -14.10 7.30
C ILE A 330 13.24 -13.87 7.01
N LYS A 331 12.46 -14.91 7.23
CA LYS A 331 11.12 -15.01 6.70
C LYS A 331 10.13 -14.50 7.73
N THR A 332 9.93 -13.18 7.73
CA THR A 332 9.25 -12.51 8.84
C THR A 332 7.92 -13.14 9.24
N PRO A 333 6.97 -13.34 8.28
CA PRO A 333 5.67 -13.84 8.76
C PRO A 333 5.77 -15.23 9.42
N ASP A 334 6.71 -16.03 8.93
CA ASP A 334 6.81 -17.42 9.30
C ASP A 334 7.49 -17.67 10.62
N LEU A 335 8.25 -16.69 11.09
CA LEU A 335 8.97 -16.83 12.35
C LEU A 335 8.08 -16.61 13.56
N GLY A 336 6.83 -16.23 13.33
CA GLY A 336 5.95 -15.92 14.45
C GLY A 336 6.34 -14.62 15.14
N GLY A 337 6.70 -14.70 16.42
CA GLY A 337 7.08 -13.52 17.22
C GLY A 337 8.18 -12.75 16.51
N VAL A 338 7.98 -11.44 16.33
CA VAL A 338 8.93 -10.61 15.60
C VAL A 338 10.27 -10.43 16.32
N ASN A 339 10.32 -10.74 17.62
CA ASN A 339 11.59 -10.85 18.33
C ASN A 339 12.52 -11.87 17.67
N ASN A 340 11.95 -12.91 17.07
CA ASN A 340 12.75 -13.93 16.38
C ASN A 340 13.46 -13.39 15.16
N ILE A 341 12.85 -12.40 14.49
CA ILE A 341 13.51 -11.69 13.40
C ILE A 341 14.81 -11.03 13.88
N ALA A 342 14.72 -10.26 14.97
CA ALA A 342 15.88 -9.63 15.58
C ALA A 342 16.95 -10.67 15.97
N ASP A 343 16.54 -11.73 16.65
CA ASP A 343 17.49 -12.79 17.00
C ASP A 343 18.16 -13.36 15.76
N ALA A 344 17.36 -13.65 14.72
CA ALA A 344 17.94 -14.21 13.50
C ALA A 344 18.89 -13.23 12.82
N ILE A 345 18.48 -11.95 12.66
CA ILE A 345 19.38 -11.00 12.03
C ILE A 345 20.68 -10.91 12.79
N MET A 346 20.58 -10.72 14.11
CA MET A 346 21.78 -10.55 14.95
C MET A 346 22.69 -11.79 14.86
N TYR A 347 22.11 -12.97 14.78
CA TYR A 347 22.96 -14.15 14.63
C TYR A 347 23.82 -14.12 13.36
N CYS A 348 23.20 -13.79 12.23
CA CYS A 348 23.84 -13.67 10.94
C CYS A 348 24.98 -12.66 11.03
N LYS A 349 24.68 -11.54 11.66
CA LYS A 349 25.65 -10.44 11.74
C LYS A 349 26.85 -10.77 12.60
N ALA A 350 26.60 -11.47 13.71
CA ALA A 350 27.66 -11.94 14.59
C ALA A 350 28.58 -12.91 13.87
N ASN A 351 28.07 -13.48 12.77
CA ASN A 351 28.77 -14.60 12.16
C ASN A 351 29.08 -14.46 10.68
N GLY A 352 29.09 -13.23 10.18
CA GLY A 352 29.57 -12.95 8.84
C GLY A 352 28.63 -13.35 7.71
N MET A 353 27.35 -13.53 8.04
CA MET A 353 26.32 -13.88 7.07
C MET A 353 25.40 -12.69 6.77
N GLY A 354 25.13 -12.46 5.49
CA GLY A 354 24.17 -11.42 5.11
C GLY A 354 22.75 -11.75 5.59
N ALA A 355 22.06 -10.75 6.16
CA ALA A 355 20.66 -10.94 6.55
C ALA A 355 19.69 -10.18 5.65
N TYR A 356 18.82 -10.94 4.99
CA TYR A 356 17.74 -10.39 4.19
C TYR A 356 16.43 -10.41 5.02
N CYS A 357 16.03 -9.24 5.51
CA CYS A 357 14.80 -9.12 6.32
C CYS A 357 13.60 -9.14 5.38
N GLY A 358 12.93 -10.29 5.30
CA GLY A 358 12.00 -10.57 4.21
C GLY A 358 10.56 -10.24 4.55
N GLY A 359 9.65 -11.06 4.05
CA GLY A 359 8.24 -10.85 4.28
C GLY A 359 7.40 -11.54 3.26
N THR A 360 6.14 -11.10 3.16
CA THR A 360 5.23 -11.63 2.17
C THR A 360 4.40 -10.51 1.51
N CYS A 361 4.09 -10.69 0.24
CA CYS A 361 3.13 -9.81 -0.47
C CYS A 361 1.76 -9.85 0.20
N ASN A 362 1.51 -10.89 0.99
CA ASN A 362 0.21 -11.10 1.64
C ASN A 362 0.16 -10.60 3.07
N GLU A 363 1.09 -9.74 3.45
CA GLU A 363 0.94 -9.12 4.78
C GLU A 363 0.36 -7.69 4.67
N THR A 364 0.62 -6.85 5.66
CA THR A 364 -0.05 -5.54 5.66
C THR A 364 0.91 -4.35 5.61
N ASN A 365 0.33 -3.17 5.37
CA ASN A 365 1.04 -1.91 5.56
C ASN A 365 1.67 -1.83 6.94
N ARG A 366 0.90 -2.20 7.98
CA ARG A 366 1.42 -2.07 9.36
C ARG A 366 2.54 -3.08 9.68
N SER A 367 2.31 -4.34 9.36
CA SER A 367 3.36 -5.34 9.63
C SER A 367 4.65 -4.97 8.88
N ALA A 368 4.52 -4.44 7.66
CA ALA A 368 5.67 -3.97 6.87
C ALA A 368 6.43 -2.86 7.59
N GLU A 369 5.71 -1.88 8.16
CA GLU A 369 6.35 -0.83 8.94
C GLU A 369 7.08 -1.42 10.12
N VAL A 370 6.45 -2.36 10.81
CA VAL A 370 7.08 -2.93 12.02
C VAL A 370 8.36 -3.71 11.68
N THR A 371 8.31 -4.60 10.69
CA THR A 371 9.49 -5.41 10.40
C THR A 371 10.60 -4.57 9.75
N THR A 372 10.19 -3.50 9.07
CA THR A 372 11.18 -2.54 8.56
C THR A 372 11.98 -1.92 9.69
N ASN A 373 11.30 -1.47 10.74
CA ASN A 373 11.97 -0.98 11.92
C ASN A 373 12.95 -2.00 12.47
N ILE A 374 12.56 -3.26 12.46
CA ILE A 374 13.40 -4.33 13.04
C ILE A 374 14.64 -4.51 12.18
N GLY A 375 14.46 -4.55 10.86
CA GLY A 375 15.59 -4.72 9.97
C GLY A 375 16.56 -3.55 10.10
N MET A 376 16.02 -2.34 10.23
CA MET A 376 16.84 -1.15 10.47
C MET A 376 17.61 -1.23 11.78
N ALA A 377 16.92 -1.60 12.84
CA ALA A 377 17.52 -1.65 14.17
C ALA A 377 18.72 -2.61 14.23
N CYS A 378 18.66 -3.69 13.44
CA CYS A 378 19.65 -4.76 13.49
C CYS A 378 20.67 -4.68 12.36
N GLY A 379 20.53 -3.63 11.54
CA GLY A 379 21.43 -3.41 10.42
C GLY A 379 21.42 -4.52 9.40
N ALA A 380 20.23 -5.01 9.05
CA ALA A 380 20.07 -6.04 8.00
C ALA A 380 20.66 -5.53 6.70
N ARG A 381 20.97 -6.47 5.80
CA ARG A 381 21.64 -6.18 4.54
C ARG A 381 20.64 -5.65 3.49
N GLN A 382 19.38 -6.06 3.63
CA GLN A 382 18.29 -5.51 2.83
C GLN A 382 16.97 -5.85 3.52
N VAL A 383 15.93 -5.08 3.20
CA VAL A 383 14.56 -5.35 3.65
C VAL A 383 13.60 -5.42 2.46
N ALA A 384 12.50 -6.16 2.61
CA ALA A 384 11.56 -6.30 1.51
C ALA A 384 10.68 -5.06 1.42
N ALA A 385 10.52 -4.56 0.18
CA ALA A 385 9.41 -3.64 -0.11
C ALA A 385 8.18 -4.53 -0.15
N LYS A 386 7.21 -4.21 0.69
CA LYS A 386 6.04 -5.05 0.86
C LYS A 386 5.00 -4.22 1.61
N PRO A 387 3.74 -4.68 1.62
CA PRO A 387 3.20 -5.86 0.93
C PRO A 387 2.69 -5.49 -0.46
N GLY A 388 1.91 -6.41 -1.03
CA GLY A 388 1.27 -6.20 -2.32
C GLY A 388 2.15 -6.55 -3.51
N MET A 389 1.53 -6.62 -4.69
N MET A 389 1.52 -6.57 -4.67
CA MET A 389 2.28 -6.84 -5.92
CA MET A 389 2.24 -6.81 -5.91
C MET A 389 2.29 -5.59 -6.81
C MET A 389 2.11 -5.64 -6.86
N GLY A 390 1.76 -4.48 -6.31
CA GLY A 390 1.69 -3.24 -7.09
C GLY A 390 3.10 -2.65 -7.26
N VAL A 391 4.04 -3.06 -6.41
CA VAL A 391 5.43 -2.52 -6.34
C VAL A 391 5.50 -1.11 -5.74
N ASP A 392 4.81 -0.16 -6.36
CA ASP A 392 4.74 1.22 -5.87
C ASP A 392 4.39 1.30 -4.40
N GLU A 393 3.29 0.65 -4.02
CA GLU A 393 2.79 0.73 -2.65
C GLU A 393 3.79 0.15 -1.62
N GLY A 394 4.30 -1.05 -1.92
CA GLY A 394 5.31 -1.69 -1.07
C GLY A 394 6.56 -0.85 -0.90
N MET A 395 7.04 -0.26 -1.98
N MET A 395 7.04 -0.29 -2.00
CA MET A 395 8.21 0.62 -1.88
CA MET A 395 8.19 0.65 -1.98
C MET A 395 7.88 1.85 -1.03
C MET A 395 7.87 1.84 -1.07
N MET A 396 6.69 2.42 -1.27
CA MET A 396 6.23 3.60 -0.53
C MET A 396 6.17 3.34 0.99
N ILE A 397 5.44 2.33 1.37
CA ILE A 397 5.23 1.98 2.80
C ILE A 397 6.56 1.77 3.51
N VAL A 398 7.48 1.03 2.90
CA VAL A 398 8.71 0.62 3.59
C VAL A 398 9.71 1.77 3.60
N LYS A 399 9.91 2.38 2.43
CA LYS A 399 10.87 3.46 2.31
C LYS A 399 10.46 4.70 3.08
N ASN A 400 9.18 5.07 3.03
CA ASN A 400 8.73 6.25 3.75
C ASN A 400 8.88 6.04 5.23
N GLU A 401 8.56 4.84 5.70
CA GLU A 401 8.69 4.55 7.12
C GLU A 401 10.16 4.58 7.55
N MET A 402 11.03 4.05 6.71
CA MET A 402 12.48 4.12 6.94
C MET A 402 12.96 5.58 7.03
N ASN A 403 12.52 6.44 6.10
CA ASN A 403 12.92 7.85 6.16
C ASN A 403 12.51 8.56 7.45
N ARG A 404 11.26 8.37 7.87
CA ARG A 404 10.73 9.00 9.06
C ARG A 404 11.46 8.54 10.33
N VAL A 405 11.67 7.23 10.44
CA VAL A 405 12.39 6.67 11.57
C VAL A 405 13.79 7.29 11.66
N LEU A 406 14.49 7.37 10.53
CA LEU A 406 15.81 8.00 10.54
C LEU A 406 15.75 9.48 10.97
N ALA A 407 14.74 10.21 10.54
CA ALA A 407 14.65 11.62 10.96
C ALA A 407 14.46 11.72 12.48
N LEU A 408 13.65 10.82 13.03
CA LEU A 408 13.36 10.84 14.46
C LEU A 408 14.56 10.38 15.28
N VAL A 409 15.25 9.35 14.80
CA VAL A 409 16.49 8.88 15.44
C VAL A 409 17.57 9.98 15.41
N GLY A 410 17.72 10.65 14.26
CA GLY A 410 18.70 11.72 14.09
C GLY A 410 18.45 12.89 15.01
N ARG A 411 17.18 13.23 15.19
CA ARG A 411 16.77 14.30 16.10
C ARG A 411 17.13 13.92 17.52
N ARG A 412 16.82 12.68 17.87
CA ARG A 412 17.04 12.25 19.23
C ARG A 412 18.52 12.25 19.56
N LYS A 413 19.34 11.80 18.61
CA LYS A 413 20.80 11.82 18.80
C LYS A 413 21.21 13.19 19.31
N LYS A 414 20.68 14.21 18.64
CA LYS A 414 21.07 15.59 18.87
C LYS A 414 20.47 16.28 20.09
N LEU A 415 19.48 15.64 20.74
CA LEU A 415 18.73 16.32 21.82
C LEU A 415 19.54 16.68 23.06
N MET B 1 -1.16 20.84 25.37
CA MET B 1 -0.06 20.14 24.66
C MET B 1 0.60 21.07 23.66
N LYS B 2 1.91 21.24 23.77
CA LYS B 2 2.66 21.99 22.76
C LYS B 2 3.24 21.07 21.67
N ILE B 3 3.34 21.60 20.46
CA ILE B 3 4.25 21.08 19.46
C ILE B 3 5.69 21.54 19.77
N VAL B 4 6.60 20.59 19.95
CA VAL B 4 7.99 20.92 20.31
C VAL B 4 8.97 20.88 19.15
N ASP B 5 8.67 20.10 18.11
CA ASP B 5 9.51 20.03 16.92
C ASP B 5 8.71 19.64 15.69
N VAL B 6 9.26 19.97 14.53
CA VAL B 6 8.67 19.64 13.23
C VAL B 6 9.77 19.04 12.38
N LEU B 7 9.55 17.85 11.86
CA LEU B 7 10.50 17.24 10.93
C LEU B 7 9.84 16.93 9.59
N CYS B 8 10.62 17.07 8.52
CA CYS B 8 10.16 16.79 7.16
C CYS B 8 11.06 15.72 6.54
N THR B 9 10.49 14.68 5.94
CA THR B 9 11.28 13.75 5.12
C THR B 9 10.72 13.63 3.71
N PRO B 10 11.60 13.54 2.70
CA PRO B 10 11.09 13.26 1.36
C PRO B 10 10.65 11.80 1.31
N GLY B 11 9.77 11.46 0.38
CA GLY B 11 9.28 10.11 0.26
C GLY B 11 8.62 9.80 -1.06
N LEU B 12 8.06 8.60 -1.12
CA LEU B 12 7.44 8.08 -2.31
C LEU B 12 5.93 8.16 -2.13
N THR B 13 5.21 7.76 -3.17
CA THR B 13 3.76 7.74 -3.18
C THR B 13 3.29 6.44 -3.82
N GLY B 14 1.98 6.32 -3.99
CA GLY B 14 1.42 5.13 -4.63
C GLY B 14 1.58 5.11 -6.15
N PHE B 15 2.06 6.19 -6.75
CA PHE B 15 2.15 6.22 -8.18
C PHE B 15 3.27 7.11 -8.70
N TYR B 16 3.00 7.83 -9.78
CA TYR B 16 3.98 8.58 -10.57
C TYR B 16 3.51 10.01 -10.79
N PHE B 17 4.46 10.92 -11.00
CA PHE B 17 4.18 12.20 -11.62
C PHE B 17 4.28 11.97 -13.13
N ASP B 18 3.22 12.29 -13.87
CA ASP B 18 3.22 12.15 -15.33
C ASP B 18 3.06 13.53 -15.94
N ASP B 19 3.86 13.81 -16.97
CA ASP B 19 3.80 15.08 -17.68
C ASP B 19 2.59 15.02 -18.60
N GLN B 20 1.42 15.44 -18.10
CA GLN B 20 0.16 15.33 -18.86
C GLN B 20 0.29 16.04 -20.22
N ARG B 21 0.94 17.22 -20.20
CA ARG B 21 1.14 18.00 -21.41
C ARG B 21 1.88 17.21 -22.49
N ALA B 22 2.98 16.56 -22.09
CA ALA B 22 3.77 15.76 -23.03
C ALA B 22 3.00 14.54 -23.54
N ILE B 23 2.20 13.91 -22.67
CA ILE B 23 1.38 12.77 -23.06
C ILE B 23 0.31 13.20 -24.07
N LYS B 24 -0.28 14.37 -23.84
CA LYS B 24 -1.31 14.85 -24.74
C LYS B 24 -0.75 15.28 -26.11
N LYS B 25 0.51 15.71 -26.14
CA LYS B 25 1.22 15.99 -27.38
C LYS B 25 1.55 14.72 -28.18
N GLY B 26 1.40 13.55 -27.53
CA GLY B 26 1.57 12.26 -28.20
C GLY B 26 2.79 11.46 -27.79
N ALA B 27 3.26 11.63 -26.56
CA ALA B 27 4.39 10.86 -26.05
C ALA B 27 4.19 9.36 -26.31
N GLY B 28 5.23 8.68 -26.76
CA GLY B 28 5.14 7.24 -27.07
C GLY B 28 5.23 6.37 -25.82
N HIS B 29 5.15 5.06 -26.01
CA HIS B 29 5.23 4.12 -24.88
C HIS B 29 6.47 3.26 -25.03
N ASP B 30 7.12 2.99 -23.90
CA ASP B 30 8.26 2.08 -23.89
C ASP B 30 8.20 1.38 -22.55
N GLY B 31 7.66 0.17 -22.55
CA GLY B 31 7.42 -0.55 -21.30
C GLY B 31 6.48 0.24 -20.42
N PHE B 32 6.88 0.47 -19.17
CA PHE B 32 6.05 1.25 -18.25
C PHE B 32 6.31 2.74 -18.35
N THR B 33 7.17 3.15 -19.28
CA THR B 33 7.58 4.54 -19.38
C THR B 33 7.00 5.19 -20.63
N TYR B 34 7.11 6.51 -20.71
CA TYR B 34 6.78 7.25 -21.91
C TYR B 34 8.05 7.72 -22.62
N THR B 35 7.97 7.92 -23.94
CA THR B 35 9.15 8.36 -24.68
C THR B 35 8.99 9.82 -25.09
N GLY B 36 10.04 10.39 -25.66
CA GLY B 36 9.98 11.78 -26.10
C GLY B 36 10.37 12.78 -25.02
N SER B 37 10.40 14.06 -25.39
CA SER B 37 10.81 15.13 -24.51
C SER B 37 9.70 15.53 -23.56
N THR B 38 10.08 16.08 -22.41
CA THR B 38 9.13 16.67 -21.47
C THR B 38 8.64 18.00 -22.01
N VAL B 39 7.47 18.42 -21.54
CA VAL B 39 6.84 19.70 -21.91
C VAL B 39 6.71 20.58 -20.67
N THR B 40 6.31 19.95 -19.57
CA THR B 40 6.00 20.64 -18.33
C THR B 40 7.27 20.99 -17.54
N GLU B 41 7.40 22.27 -17.20
CA GLU B 41 8.48 22.74 -16.34
C GLU B 41 8.64 21.83 -15.12
N GLY B 42 9.89 21.50 -14.80
CA GLY B 42 10.20 20.66 -13.65
C GLY B 42 10.45 19.20 -13.93
N PHE B 43 9.81 18.66 -14.98
CA PHE B 43 9.95 17.25 -15.32
C PHE B 43 11.30 17.00 -15.99
N THR B 44 11.97 15.91 -15.59
CA THR B 44 13.19 15.49 -16.27
C THR B 44 12.91 14.28 -17.17
N GLN B 45 11.87 13.53 -16.83
CA GLN B 45 11.35 12.46 -17.67
C GLN B 45 9.84 12.59 -17.67
N VAL B 46 9.20 12.08 -18.72
CA VAL B 46 7.74 12.23 -18.92
C VAL B 46 6.99 11.53 -17.79
N ARG B 47 7.49 10.38 -17.40
CA ARG B 47 7.03 9.70 -16.20
C ARG B 47 8.15 9.58 -15.17
N GLN B 48 7.87 10.07 -13.96
CA GLN B 48 8.86 10.02 -12.89
C GLN B 48 8.20 9.67 -11.57
N LYS B 49 9.01 9.28 -10.60
CA LYS B 49 8.47 8.84 -9.31
C LYS B 49 7.58 9.92 -8.71
N GLY B 50 6.40 9.50 -8.25
CA GLY B 50 5.57 10.39 -7.47
C GLY B 50 6.29 10.66 -6.16
N GLU B 51 6.12 11.86 -5.62
CA GLU B 51 6.82 12.25 -4.39
C GLU B 51 5.92 12.77 -3.29
N SER B 52 6.33 12.50 -2.06
CA SER B 52 5.63 13.02 -0.90
C SER B 52 6.63 13.67 0.01
N ILE B 53 6.12 14.40 1.00
CA ILE B 53 6.89 14.84 2.17
C ILE B 53 6.16 14.42 3.46
N SER B 54 6.81 13.61 4.28
CA SER B 54 6.18 13.29 5.56
C SER B 54 6.46 14.44 6.50
N VAL B 55 5.40 14.93 7.15
CA VAL B 55 5.52 15.98 8.16
C VAL B 55 5.27 15.38 9.54
N LEU B 56 6.29 15.47 10.41
CA LEU B 56 6.16 14.94 11.76
C LEU B 56 6.12 16.08 12.76
N LEU B 57 5.11 16.05 13.61
CA LEU B 57 5.01 17.03 14.68
C LEU B 57 5.29 16.33 15.98
N VAL B 58 6.46 16.57 16.54
CA VAL B 58 6.80 16.00 17.81
C VAL B 58 6.06 16.79 18.90
N LEU B 59 5.30 16.07 19.71
CA LEU B 59 4.51 16.67 20.76
C LEU B 59 5.28 16.70 22.07
N GLU B 60 4.85 17.60 22.94
CA GLU B 60 5.41 17.78 24.28
C GLU B 60 5.49 16.49 25.10
N ASP B 61 4.47 15.62 24.96
CA ASP B 61 4.41 14.34 25.69
C ASP B 61 5.25 13.24 25.02
N GLY B 62 5.84 13.58 23.88
CA GLY B 62 6.73 12.66 23.19
C GLY B 62 6.05 11.90 22.07
N GLN B 63 4.73 12.06 21.92
CA GLN B 63 4.03 11.44 20.78
C GLN B 63 4.45 12.16 19.49
N VAL B 64 4.31 11.46 18.37
CA VAL B 64 4.65 12.05 17.07
C VAL B 64 3.42 12.02 16.17
N ALA B 65 2.98 13.22 15.77
CA ALA B 65 1.90 13.30 14.79
C ALA B 65 2.45 13.21 13.37
N HIS B 66 1.67 12.65 12.45
CA HIS B 66 2.20 12.32 11.13
C HIS B 66 1.17 12.61 10.06
N GLY B 67 1.53 13.50 9.15
CA GLY B 67 0.80 13.64 7.88
C GLY B 67 1.73 13.63 6.68
N ASP B 68 1.17 13.32 5.50
CA ASP B 68 1.95 13.31 4.24
C ASP B 68 1.44 14.31 3.21
N CYS B 69 2.33 15.22 2.81
CA CYS B 69 2.11 16.08 1.64
C CYS B 69 2.20 15.23 0.38
N ALA B 70 1.26 15.44 -0.54
CA ALA B 70 1.22 14.69 -1.80
C ALA B 70 0.36 15.45 -2.78
N ALA B 71 0.56 15.17 -4.06
CA ALA B 71 -0.17 15.79 -5.15
C ALA B 71 -0.70 14.72 -6.11
N VAL B 72 -1.58 15.14 -7.02
CA VAL B 72 -2.11 14.28 -8.07
C VAL B 72 -1.00 13.72 -8.98
N GLN B 73 -1.35 12.71 -9.77
CA GLN B 73 -0.48 12.18 -10.82
C GLN B 73 -0.02 13.30 -11.74
N TYR B 74 -0.98 14.10 -12.23
CA TYR B 74 -0.64 15.17 -13.17
C TYR B 74 -0.25 16.47 -12.49
N SER B 75 0.74 16.35 -11.60
CA SER B 75 1.22 17.47 -10.83
C SER B 75 1.91 18.44 -11.76
N GLY B 76 1.58 19.72 -11.63
CA GLY B 76 2.19 20.74 -12.48
C GLY B 76 1.50 20.91 -13.82
N ALA B 77 0.42 20.16 -14.05
CA ALA B 77 -0.39 20.30 -15.27
C ALA B 77 -1.23 21.58 -15.22
N GLY B 78 -1.99 21.82 -16.29
CA GLY B 78 -2.83 23.01 -16.39
C GLY B 78 -3.70 23.23 -15.16
N GLY B 79 -3.61 24.44 -14.60
CA GLY B 79 -4.44 24.82 -13.45
C GLY B 79 -3.95 24.31 -12.11
N ARG B 80 -2.78 23.66 -12.10
CA ARG B 80 -2.23 23.06 -10.88
C ARG B 80 -0.97 23.75 -10.43
N ASP B 81 -0.70 23.64 -9.12
CA ASP B 81 0.54 24.15 -8.54
C ASP B 81 1.72 23.38 -9.12
N PRO B 82 2.94 23.95 -9.03
CA PRO B 82 4.09 23.35 -9.69
C PRO B 82 4.33 21.89 -9.30
N LEU B 83 5.11 21.21 -10.13
CA LEU B 83 5.50 19.82 -9.87
C LEU B 83 6.00 19.66 -8.42
N PHE B 84 5.34 18.79 -7.68
CA PHE B 84 5.62 18.61 -6.25
C PHE B 84 6.84 17.74 -5.94
N LEU B 85 8.03 18.28 -6.24
CA LEU B 85 9.28 17.62 -5.91
C LEU B 85 9.62 17.97 -4.47
N ALA B 86 9.82 16.93 -3.66
CA ALA B 86 10.16 17.12 -2.26
C ALA B 86 11.29 18.14 -2.07
N LYS B 87 12.34 18.06 -2.89
CA LYS B 87 13.50 18.97 -2.78
C LYS B 87 13.14 20.45 -2.88
N ASP B 88 12.09 20.76 -3.67
CA ASP B 88 11.65 22.12 -3.89
C ASP B 88 10.80 22.64 -2.72
N PHE B 89 10.14 21.74 -1.99
CA PHE B 89 9.15 22.18 -1.00
C PHE B 89 9.45 21.93 0.48
N ILE B 90 10.35 21.01 0.76
CA ILE B 90 10.83 20.84 2.14
C ILE B 90 11.38 22.17 2.70
N PRO B 91 12.14 22.94 1.88
CA PRO B 91 12.64 24.22 2.39
C PRO B 91 11.56 25.18 2.88
N VAL B 92 10.45 25.32 2.14
CA VAL B 92 9.36 26.21 2.57
C VAL B 92 8.79 25.76 3.89
N ILE B 93 8.55 24.46 4.02
CA ILE B 93 8.10 23.92 5.32
C ILE B 93 9.12 24.19 6.42
N GLU B 94 10.38 23.85 6.16
CA GLU B 94 11.41 24.04 7.18
C GLU B 94 11.65 25.50 7.58
N LYS B 95 11.56 26.39 6.61
CA LYS B 95 11.84 27.80 6.89
C LYS B 95 10.61 28.57 7.34
N GLU B 96 9.42 28.25 6.79
CA GLU B 96 8.27 29.14 6.94
C GLU B 96 7.17 28.58 7.84
N ILE B 97 6.98 27.26 7.82
CA ILE B 97 5.90 26.60 8.58
C ILE B 97 6.37 26.09 9.95
N ALA B 98 7.51 25.40 10.01
CA ALA B 98 8.07 24.91 11.28
C ALA B 98 8.13 25.99 12.37
N PRO B 99 8.72 27.18 12.07
CA PRO B 99 8.73 28.19 13.13
C PRO B 99 7.36 28.60 13.65
N LYS B 100 6.32 28.49 12.82
CA LYS B 100 4.96 28.83 13.24
C LYS B 100 4.31 27.74 14.08
N LEU B 101 4.81 26.51 13.97
CA LEU B 101 4.24 25.38 14.72
C LEU B 101 5.00 25.09 16.01
N ILE B 102 6.33 25.20 15.95
CA ILE B 102 7.16 24.96 17.13
C ILE B 102 6.80 25.87 18.30
N GLY B 103 6.48 25.26 19.44
CA GLY B 103 6.03 26.02 20.62
C GLY B 103 4.54 26.34 20.63
N ARG B 104 3.81 26.01 19.57
CA ARG B 104 2.36 26.27 19.55
C ARG B 104 1.60 25.34 20.48
N GLU B 105 0.74 25.93 21.30
CA GLU B 105 -0.21 25.12 22.05
C GLU B 105 -1.23 24.56 21.08
N ILE B 106 -1.45 23.25 21.15
CA ILE B 106 -2.44 22.62 20.29
C ILE B 106 -3.83 23.03 20.76
N THR B 107 -4.61 23.58 19.84
CA THR B 107 -5.92 24.12 20.18
C THR B 107 -6.95 23.18 19.54
N ASN B 108 -7.95 23.72 18.84
CA ASN B 108 -8.87 22.83 18.11
C ASN B 108 -8.29 22.57 16.73
N PHE B 109 -8.77 21.52 16.08
CA PHE B 109 -8.29 21.23 14.73
C PHE B 109 -8.67 22.31 13.71
N LYS B 110 -9.95 22.70 13.70
CA LYS B 110 -10.47 23.66 12.72
C LYS B 110 -9.68 24.99 12.61
N PRO B 111 -9.51 25.74 13.72
CA PRO B 111 -8.78 27.02 13.60
C PRO B 111 -7.33 26.82 13.16
N MET B 112 -6.66 25.81 13.68
CA MET B 112 -5.27 25.60 13.30
C MET B 112 -5.18 25.19 11.83
N ALA B 113 -6.09 24.33 11.39
CA ALA B 113 -6.07 23.85 10.00
C ALA B 113 -6.37 25.00 9.04
N GLU B 114 -7.37 25.82 9.38
CA GLU B 114 -7.69 27.00 8.57
C GLU B 114 -6.54 27.98 8.51
N GLU B 115 -5.83 28.16 9.62
CA GLU B 115 -4.67 29.04 9.64
C GLU B 115 -3.63 28.56 8.66
N PHE B 116 -3.28 27.28 8.76
CA PHE B 116 -2.21 26.76 7.94
C PHE B 116 -2.63 26.53 6.50
N ASP B 117 -3.92 26.28 6.28
CA ASP B 117 -4.47 26.21 4.93
C ASP B 117 -4.35 27.56 4.21
N LYS B 118 -4.53 28.65 4.94
CA LYS B 118 -4.61 29.99 4.33
C LYS B 118 -3.33 30.83 4.41
N MET B 119 -2.30 30.36 5.11
CA MET B 119 -1.12 31.20 5.36
C MET B 119 -0.38 31.49 4.08
N THR B 120 0.21 32.68 4.02
CA THR B 120 0.95 33.08 2.85
C THR B 120 2.43 33.18 3.18
N VAL B 121 3.27 33.01 2.16
CA VAL B 121 4.70 33.25 2.28
C VAL B 121 5.06 34.20 1.13
N ASN B 122 5.62 35.37 1.49
CA ASN B 122 5.89 36.45 0.53
C ASN B 122 4.63 36.84 -0.25
N GLY B 123 3.48 36.78 0.41
CA GLY B 123 2.20 37.21 -0.16
C GLY B 123 1.48 36.12 -0.93
N ASN B 124 2.16 35.00 -1.14
CA ASN B 124 1.63 33.90 -1.95
C ASN B 124 1.10 32.74 -1.10
N ARG B 125 0.00 32.15 -1.53
CA ARG B 125 -0.55 30.93 -0.93
C ARG B 125 0.44 29.76 -1.01
N LEU B 126 0.33 28.83 -0.06
CA LEU B 126 1.18 27.65 -0.03
C LEU B 126 0.72 26.64 -1.07
N HIS B 127 1.68 25.83 -1.53
CA HIS B 127 1.38 24.75 -2.44
C HIS B 127 0.29 23.89 -1.85
N THR B 128 -0.67 23.53 -2.69
CA THR B 128 -1.78 22.69 -2.32
C THR B 128 -1.35 21.41 -1.55
N ALA B 129 -0.25 20.80 -1.99
CA ALA B 129 0.22 19.57 -1.36
C ALA B 129 0.83 19.82 0.01
N ILE B 130 1.45 20.98 0.20
CA ILE B 130 1.92 21.37 1.52
C ILE B 130 0.74 21.51 2.49
N ARG B 131 -0.26 22.29 2.08
CA ARG B 131 -1.46 22.45 2.89
C ARG B 131 -2.09 21.10 3.24
N TYR B 132 -2.08 20.17 2.28
CA TYR B 132 -2.61 18.83 2.46
C TYR B 132 -1.89 18.08 3.59
N GLY B 133 -0.56 18.07 3.53
CA GLY B 133 0.20 17.32 4.50
C GLY B 133 0.20 17.98 5.88
N ILE B 134 0.35 19.30 5.93
CA ILE B 134 0.44 20.02 7.21
C ILE B 134 -0.84 19.84 8.01
N THR B 135 -1.97 19.98 7.33
CA THR B 135 -3.28 19.84 7.99
C THR B 135 -3.58 18.41 8.43
N GLN B 136 -3.14 17.42 7.66
CA GLN B 136 -3.17 16.02 8.11
C GLN B 136 -2.43 15.86 9.45
N ALA B 137 -1.22 16.40 9.51
CA ALA B 137 -0.40 16.32 10.72
C ALA B 137 -1.06 17.04 11.90
N ILE B 138 -1.66 18.20 11.61
CA ILE B 138 -2.40 18.92 12.65
C ILE B 138 -3.56 18.09 13.17
N LEU B 139 -4.29 17.45 12.25
CA LEU B 139 -5.42 16.59 12.65
C LEU B 139 -4.96 15.46 13.54
N ASP B 140 -3.88 14.80 13.14
CA ASP B 140 -3.35 13.72 13.93
C ASP B 140 -2.86 14.20 15.31
N ALA B 141 -2.29 15.39 15.35
CA ALA B 141 -1.81 15.98 16.60
C ALA B 141 -2.98 16.24 17.55
N VAL B 142 -4.11 16.69 17.01
CA VAL B 142 -5.25 16.98 17.88
C VAL B 142 -5.82 15.65 18.42
N ALA B 143 -6.00 14.69 17.52
CA ALA B 143 -6.41 13.33 17.90
C ALA B 143 -5.55 12.74 19.01
N LYS B 144 -4.22 12.90 18.87
CA LYS B 144 -3.27 12.34 19.81
C LYS B 144 -3.26 13.04 21.14
N THR B 145 -3.47 14.35 21.12
CA THR B 145 -3.60 15.12 22.34
C THR B 145 -4.87 14.71 23.08
N ARG B 146 -5.97 14.56 22.34
CA ARG B 146 -7.25 14.17 22.93
C ARG B 146 -7.42 12.67 23.18
N LYS B 147 -6.47 11.86 22.68
CA LYS B 147 -6.50 10.40 22.82
C LYS B 147 -7.77 9.81 22.23
N VAL B 148 -8.14 10.30 21.05
CA VAL B 148 -9.25 9.71 20.31
C VAL B 148 -8.79 9.53 18.86
N THR B 149 -9.66 9.00 18.01
CA THR B 149 -9.33 8.91 16.59
C THR B 149 -9.49 10.27 15.88
N MET B 150 -8.79 10.42 14.77
CA MET B 150 -8.99 11.55 13.86
C MET B 150 -10.43 11.70 13.44
N ALA B 151 -11.11 10.58 13.20
CA ALA B 151 -12.52 10.64 12.81
C ALA B 151 -13.36 11.31 13.91
N GLU B 152 -13.08 10.94 15.16
CA GLU B 152 -13.79 11.57 16.29
C GLU B 152 -13.51 13.05 16.41
N VAL B 153 -12.26 13.47 16.17
CA VAL B 153 -11.96 14.89 16.17
C VAL B 153 -12.81 15.59 15.11
N ILE B 154 -12.84 15.05 13.89
CA ILE B 154 -13.56 15.71 12.82
C ILE B 154 -15.06 15.75 13.12
N ARG B 155 -15.59 14.62 13.60
CA ARG B 155 -17.01 14.52 13.92
C ARG B 155 -17.37 15.56 14.98
N ASP B 156 -16.60 15.62 16.05
CA ASP B 156 -16.80 16.67 17.05
C ASP B 156 -16.82 18.09 16.48
N GLU B 157 -15.90 18.39 15.57
CA GLU B 157 -15.70 19.77 15.13
C GLU B 157 -16.49 20.14 13.87
N TYR B 158 -16.97 19.15 13.14
CA TYR B 158 -17.68 19.39 11.88
C TYR B 158 -19.04 18.73 11.79
N ASN B 159 -19.27 17.70 12.60
CA ASN B 159 -20.48 16.90 12.45
C ASN B 159 -20.99 16.47 13.83
N PRO B 160 -21.22 17.48 14.71
CA PRO B 160 -21.34 17.13 16.11
C PRO B 160 -22.59 16.30 16.36
N GLY B 161 -22.51 15.35 17.29
CA GLY B 161 -23.64 14.51 17.65
C GLY B 161 -23.82 13.28 16.78
N ALA B 162 -23.17 13.26 15.62
CA ALA B 162 -23.37 12.16 14.68
C ALA B 162 -22.64 10.89 15.12
N GLU B 163 -23.17 9.76 14.69
CA GLU B 163 -22.45 8.50 14.77
C GLU B 163 -21.37 8.43 13.70
N ILE B 164 -20.35 7.63 13.96
CA ILE B 164 -19.30 7.39 12.98
C ILE B 164 -19.46 5.93 12.56
N ASN B 165 -19.76 5.73 11.28
CA ASN B 165 -20.03 4.39 10.75
C ASN B 165 -19.10 4.05 9.58
N ALA B 166 -19.11 2.79 9.18
CA ALA B 166 -18.43 2.38 7.95
C ALA B 166 -18.94 3.23 6.78
N VAL B 167 -18.01 3.57 5.88
CA VAL B 167 -18.34 4.22 4.62
C VAL B 167 -18.06 3.25 3.46
N PRO B 168 -18.99 3.15 2.49
CA PRO B 168 -18.70 2.35 1.30
C PRO B 168 -17.37 2.71 0.64
N VAL B 169 -16.56 1.69 0.34
CA VAL B 169 -15.23 1.87 -0.24
C VAL B 169 -15.28 1.66 -1.75
N PHE B 170 -14.80 2.65 -2.50
CA PHE B 170 -14.82 2.65 -3.98
C PHE B 170 -13.44 2.38 -4.53
N ALA B 171 -13.30 1.28 -5.27
CA ALA B 171 -12.01 0.92 -5.89
C ALA B 171 -11.99 1.23 -7.38
N GLN B 172 -10.82 1.65 -7.86
CA GLN B 172 -10.65 2.04 -9.26
C GLN B 172 -9.71 1.09 -9.96
N SER B 173 -10.08 0.72 -11.18
CA SER B 173 -9.44 -0.34 -11.92
C SER B 173 -8.30 0.10 -12.84
N GLY B 174 -8.31 1.38 -13.25
CA GLY B 174 -7.51 1.80 -14.40
C GLY B 174 -7.96 1.02 -15.63
N ASP B 175 -7.05 0.88 -16.59
CA ASP B 175 -7.37 0.21 -17.84
C ASP B 175 -7.55 -1.30 -17.71
N ASP B 176 -6.95 -1.90 -16.69
CA ASP B 176 -7.13 -3.33 -16.40
C ASP B 176 -8.53 -3.54 -15.82
N ARG B 177 -9.55 -3.23 -16.60
CA ARG B 177 -10.94 -3.23 -16.12
C ARG B 177 -11.57 -4.63 -15.95
N TYR B 178 -10.86 -5.69 -16.33
CA TYR B 178 -11.34 -7.05 -16.06
C TYR B 178 -10.64 -7.68 -14.85
N ASP B 179 -9.32 -7.81 -14.93
CA ASP B 179 -8.58 -8.41 -13.81
C ASP B 179 -8.76 -7.66 -12.50
N ASN B 180 -8.80 -6.33 -12.56
CA ASN B 180 -8.90 -5.54 -11.34
C ASN B 180 -10.32 -5.58 -10.79
N VAL B 181 -11.30 -5.79 -11.66
CA VAL B 181 -12.65 -6.09 -11.20
C VAL B 181 -12.68 -7.38 -10.37
N ASP B 182 -12.01 -8.43 -10.86
CA ASP B 182 -11.91 -9.68 -10.09
C ASP B 182 -11.34 -9.39 -8.67
N LYS B 183 -10.23 -8.64 -8.60
CA LYS B 183 -9.60 -8.25 -7.32
C LYS B 183 -10.66 -7.59 -6.46
N MET B 184 -11.37 -6.63 -7.04
CA MET B 184 -12.40 -5.91 -6.30
C MET B 184 -13.51 -6.81 -5.76
N ILE B 185 -13.94 -7.78 -6.56
CA ILE B 185 -15.02 -8.67 -6.12
C ILE B 185 -14.49 -9.50 -4.94
N ILE B 186 -13.26 -10.00 -5.05
CA ILE B 186 -12.68 -10.86 -4.03
C ILE B 186 -12.43 -10.06 -2.74
N LYS B 187 -12.06 -8.79 -2.88
CA LYS B 187 -11.82 -7.89 -1.74
C LYS B 187 -13.11 -7.17 -1.30
N GLU B 188 -14.24 -7.56 -1.88
CA GLU B 188 -15.58 -7.02 -1.53
C GLU B 188 -15.69 -5.48 -1.51
N ALA B 189 -15.09 -4.82 -2.49
CA ALA B 189 -15.31 -3.40 -2.74
C ALA B 189 -16.82 -3.15 -2.73
N ASP B 190 -17.23 -2.13 -1.97
CA ASP B 190 -18.63 -1.74 -1.91
C ASP B 190 -19.08 -1.04 -3.17
N VAL B 191 -18.14 -0.36 -3.83
CA VAL B 191 -18.42 0.37 -5.06
C VAL B 191 -17.27 0.08 -6.00
N LEU B 192 -17.59 -0.16 -7.27
CA LEU B 192 -16.59 -0.52 -8.27
C LEU B 192 -17.13 -0.29 -9.69
N PRO B 193 -16.26 -0.41 -10.69
CA PRO B 193 -14.80 -0.43 -10.71
C PRO B 193 -14.09 0.81 -11.23
N HIS B 194 -14.83 1.91 -11.47
CA HIS B 194 -14.33 3.07 -12.27
C HIS B 194 -14.21 2.75 -13.78
N ALA B 195 -13.30 1.84 -14.14
CA ALA B 195 -13.20 1.26 -15.50
C ALA B 195 -12.56 2.15 -16.57
N LEU B 196 -12.23 3.38 -16.20
CA LEU B 196 -11.43 4.25 -17.07
C LEU B 196 -11.94 4.23 -18.51
N ILE B 197 -13.24 4.48 -18.67
CA ILE B 197 -13.85 4.53 -20.00
C ILE B 197 -13.54 5.91 -20.56
N ASN B 198 -12.34 6.08 -21.11
CA ASN B 198 -11.87 7.42 -21.47
C ASN B 198 -11.64 7.66 -22.97
N ASN B 199 -12.26 6.84 -23.82
CA ASN B 199 -12.14 6.93 -25.28
C ASN B 199 -13.48 6.47 -25.88
N VAL B 200 -14.03 7.26 -26.80
CA VAL B 200 -15.32 6.90 -27.38
C VAL B 200 -15.26 5.59 -28.16
N GLU B 201 -14.35 5.49 -29.14
CA GLU B 201 -14.35 4.28 -29.97
C GLU B 201 -13.82 3.02 -29.28
N GLU B 202 -12.70 3.10 -28.58
CA GLU B 202 -12.10 1.88 -28.00
C GLU B 202 -12.87 1.36 -26.78
N LYS B 203 -13.47 2.27 -26.02
CA LYS B 203 -13.91 1.91 -24.67
C LYS B 203 -15.40 2.07 -24.43
N LEU B 204 -15.99 3.17 -24.94
CA LEU B 204 -17.44 3.31 -24.84
C LEU B 204 -18.13 2.55 -25.97
N GLY B 205 -17.52 2.64 -27.16
CA GLY B 205 -18.19 2.30 -28.40
C GLY B 205 -18.84 3.57 -28.97
N LEU B 206 -18.82 3.69 -30.29
CA LEU B 206 -19.44 4.85 -30.95
C LEU B 206 -20.95 4.99 -30.63
N LYS B 207 -21.61 3.86 -30.37
CA LYS B 207 -23.03 3.87 -30.00
C LYS B 207 -23.22 3.44 -28.55
N GLY B 208 -22.11 3.45 -27.81
CA GLY B 208 -22.10 3.02 -26.42
C GLY B 208 -22.18 1.51 -26.23
N GLU B 209 -22.04 0.77 -27.33
CA GLU B 209 -22.24 -0.67 -27.33
C GLU B 209 -21.15 -1.43 -26.56
N LYS B 210 -19.96 -0.85 -26.46
CA LYS B 210 -18.87 -1.49 -25.74
C LYS B 210 -19.05 -1.42 -24.24
N LEU B 211 -19.41 -0.26 -23.71
CA LEU B 211 -19.72 -0.10 -22.29
C LEU B 211 -20.98 -0.89 -21.91
N LEU B 212 -21.95 -0.95 -22.82
CA LEU B 212 -23.11 -1.80 -22.57
C LEU B 212 -22.69 -3.28 -22.31
N GLU B 213 -21.86 -3.81 -23.22
CA GLU B 213 -21.28 -5.17 -23.11
C GLU B 213 -20.50 -5.32 -21.77
N TYR B 214 -19.69 -4.32 -21.44
CA TYR B 214 -18.91 -4.31 -20.20
C TYR B 214 -19.78 -4.37 -18.95
N VAL B 215 -20.86 -3.59 -18.91
CA VAL B 215 -21.75 -3.56 -17.75
C VAL B 215 -22.39 -4.93 -17.51
N LYS B 216 -22.81 -5.57 -18.60
CA LYS B 216 -23.38 -6.92 -18.56
C LYS B 216 -22.33 -7.92 -18.08
N TRP B 217 -21.10 -7.77 -18.57
CA TRP B 217 -20.01 -8.63 -18.17
C TRP B 217 -19.76 -8.46 -16.68
N LEU B 218 -19.75 -7.21 -16.23
CA LEU B 218 -19.47 -6.88 -14.84
C LEU B 218 -20.53 -7.48 -13.91
N ARG B 219 -21.79 -7.29 -14.29
CA ARG B 219 -22.90 -7.90 -13.56
C ARG B 219 -22.69 -9.40 -13.42
N ASP B 220 -22.42 -10.07 -14.53
CA ASP B 220 -22.28 -11.51 -14.52
C ASP B 220 -21.05 -11.98 -13.74
N ARG B 221 -19.98 -11.19 -13.80
CA ARG B 221 -18.72 -11.49 -13.12
C ARG B 221 -18.88 -11.46 -11.61
N ILE B 222 -19.57 -10.44 -11.11
CA ILE B 222 -19.88 -10.35 -9.68
C ILE B 222 -20.69 -11.58 -9.25
N ILE B 223 -21.68 -11.94 -10.05
CA ILE B 223 -22.51 -13.10 -9.70
C ILE B 223 -21.68 -14.39 -9.68
N LYS B 224 -20.73 -14.50 -10.62
CA LYS B 224 -19.96 -15.73 -10.72
C LYS B 224 -18.95 -15.87 -9.58
N LEU B 225 -18.29 -14.76 -9.24
CA LEU B 225 -17.12 -14.81 -8.37
C LEU B 225 -17.42 -14.61 -6.88
N ARG B 226 -18.52 -13.91 -6.57
CA ARG B 226 -18.73 -13.44 -5.20
C ARG B 226 -18.81 -14.62 -4.24
N VAL B 227 -18.10 -14.52 -3.12
CA VAL B 227 -18.15 -15.55 -2.07
C VAL B 227 -19.53 -15.59 -1.39
N ARG B 228 -20.10 -14.42 -1.11
CA ARG B 228 -21.40 -14.33 -0.47
C ARG B 228 -22.44 -13.93 -1.49
N GLU B 229 -23.56 -14.65 -1.50
CA GLU B 229 -24.67 -14.31 -2.37
C GLU B 229 -25.19 -12.90 -2.12
N ASP B 230 -25.10 -12.42 -0.88
CA ASP B 230 -25.59 -11.09 -0.54
C ASP B 230 -24.58 -9.97 -0.78
N TYR B 231 -23.44 -10.28 -1.40
CA TYR B 231 -22.53 -9.22 -1.86
C TYR B 231 -23.16 -8.54 -3.07
N ALA B 232 -23.57 -7.29 -2.90
CA ALA B 232 -24.30 -6.57 -3.93
C ALA B 232 -23.74 -5.16 -4.04
N PRO B 233 -22.52 -5.03 -4.61
CA PRO B 233 -21.87 -3.73 -4.68
C PRO B 233 -22.58 -2.79 -5.64
N ILE B 234 -22.22 -1.51 -5.57
CA ILE B 234 -22.76 -0.49 -6.47
C ILE B 234 -21.79 -0.30 -7.62
N PHE B 235 -22.30 -0.23 -8.84
CA PHE B 235 -21.45 0.05 -10.01
C PHE B 235 -21.15 1.56 -10.03
N HIS B 236 -19.90 1.93 -10.30
CA HIS B 236 -19.54 3.33 -10.47
C HIS B 236 -18.55 3.33 -11.61
N ILE B 237 -18.96 3.93 -12.74
CA ILE B 237 -18.18 3.87 -13.97
C ILE B 237 -18.00 5.28 -14.49
N ASP B 238 -16.74 5.63 -14.74
CA ASP B 238 -16.38 6.96 -15.18
C ASP B 238 -16.18 6.92 -16.69
N VAL B 239 -16.99 7.72 -17.38
CA VAL B 239 -16.98 7.76 -18.84
C VAL B 239 -16.26 8.98 -19.44
N TYR B 240 -15.70 9.84 -18.59
CA TYR B 240 -14.78 10.87 -19.09
C TYR B 240 -15.41 11.72 -20.18
N GLY B 241 -16.72 11.97 -20.04
CA GLY B 241 -17.43 12.83 -20.96
C GLY B 241 -17.83 12.16 -22.25
N THR B 242 -17.54 10.86 -22.36
CA THR B 242 -17.69 10.19 -23.65
C THR B 242 -19.15 9.92 -24.00
N ILE B 243 -20.01 9.82 -22.99
CA ILE B 243 -21.44 9.70 -23.26
C ILE B 243 -21.93 10.99 -23.92
N GLY B 244 -21.52 12.13 -23.36
CA GLY B 244 -21.76 13.43 -23.99
C GLY B 244 -21.25 13.48 -25.42
N ALA B 245 -20.02 13.03 -25.63
CA ALA B 245 -19.45 13.00 -26.97
C ALA B 245 -20.23 12.11 -27.94
N ALA B 246 -20.60 10.92 -27.49
CA ALA B 246 -21.24 9.92 -28.36
C ALA B 246 -22.66 10.29 -28.76
N PHE B 247 -23.33 11.06 -27.90
CA PHE B 247 -24.72 11.41 -28.12
C PHE B 247 -24.91 12.91 -28.22
N ASP B 248 -23.84 13.62 -28.58
CA ASP B 248 -23.88 15.07 -28.82
C ASP B 248 -24.48 15.86 -27.66
N VAL B 249 -24.26 15.40 -26.43
CA VAL B 249 -24.76 16.07 -25.20
C VAL B 249 -26.28 16.33 -25.27
N ASP B 250 -26.97 15.49 -26.03
CA ASP B 250 -28.42 15.53 -26.11
C ASP B 250 -28.96 14.90 -24.83
N ILE B 251 -29.72 15.67 -24.06
CA ILE B 251 -30.16 15.24 -22.73
C ILE B 251 -30.97 13.93 -22.83
N LYS B 252 -31.99 13.95 -23.67
CA LYS B 252 -32.86 12.77 -23.85
C LYS B 252 -32.05 11.54 -24.27
N ALA B 253 -31.21 11.70 -25.28
CA ALA B 253 -30.42 10.60 -25.83
C ALA B 253 -29.45 10.00 -24.82
N MET B 254 -28.79 10.84 -24.03
CA MET B 254 -27.90 10.38 -22.97
C MET B 254 -28.69 9.60 -21.91
N ALA B 255 -29.84 10.14 -21.52
CA ALA B 255 -30.67 9.50 -20.52
C ALA B 255 -31.17 8.12 -21.00
N ASP B 256 -31.63 8.06 -22.24
CA ASP B 256 -32.04 6.80 -22.85
C ASP B 256 -30.91 5.77 -22.83
N TYR B 257 -29.71 6.21 -23.19
CA TYR B 257 -28.56 5.32 -23.17
C TYR B 257 -28.26 4.89 -21.73
N ILE B 258 -28.23 5.85 -20.82
CA ILE B 258 -27.93 5.54 -19.42
C ILE B 258 -28.97 4.56 -18.87
N GLN B 259 -30.21 4.70 -19.33
CA GLN B 259 -31.27 3.76 -18.95
C GLN B 259 -30.93 2.34 -19.38
N THR B 260 -30.42 2.17 -20.60
CA THR B 260 -30.01 0.84 -21.05
C THR B 260 -28.88 0.26 -20.17
N LEU B 261 -28.00 1.13 -19.66
CA LEU B 261 -26.94 0.69 -18.78
C LEU B 261 -27.49 0.27 -17.42
N ALA B 262 -28.42 1.06 -16.87
CA ALA B 262 -29.09 0.71 -15.62
C ALA B 262 -29.76 -0.65 -15.74
N GLU B 263 -30.46 -0.84 -16.86
CA GLU B 263 -31.20 -2.06 -17.13
C GLU B 263 -30.20 -3.25 -17.23
N ALA B 264 -29.07 -3.03 -17.89
CA ALA B 264 -27.98 -4.02 -17.98
C ALA B 264 -27.32 -4.35 -16.64
N ALA B 265 -27.28 -3.36 -15.74
CA ALA B 265 -26.67 -3.52 -14.41
C ALA B 265 -27.51 -4.31 -13.42
N LYS B 266 -28.84 -4.31 -13.61
CA LYS B 266 -29.74 -4.97 -12.67
C LYS B 266 -29.28 -6.40 -12.39
N PRO B 267 -29.26 -6.81 -11.11
CA PRO B 267 -29.85 -6.20 -9.91
C PRO B 267 -29.01 -5.09 -9.24
N PHE B 268 -27.82 -4.81 -9.78
CA PHE B 268 -26.93 -3.83 -9.19
C PHE B 268 -27.28 -2.42 -9.64
N HIS B 269 -27.06 -1.48 -8.72
CA HIS B 269 -27.33 -0.06 -8.92
C HIS B 269 -26.18 0.58 -9.66
N LEU B 270 -26.50 1.55 -10.52
CA LEU B 270 -25.52 2.18 -11.41
C LEU B 270 -25.29 3.66 -11.11
N ARG B 271 -24.02 4.03 -10.99
CA ARG B 271 -23.58 5.42 -10.94
C ARG B 271 -22.68 5.64 -12.13
N ILE B 272 -22.93 6.73 -12.86
CA ILE B 272 -22.09 7.12 -13.98
C ILE B 272 -21.40 8.41 -13.61
N GLU B 273 -20.06 8.36 -13.58
CA GLU B 273 -19.25 9.55 -13.35
C GLU B 273 -18.91 10.27 -14.67
N GLY B 274 -19.03 11.59 -14.64
CA GLY B 274 -18.70 12.46 -15.75
C GLY B 274 -19.36 12.12 -17.08
N PRO B 275 -20.71 12.04 -17.12
CA PRO B 275 -21.41 11.66 -18.36
C PRO B 275 -21.04 12.56 -19.57
N MET B 276 -21.00 13.88 -19.36
CA MET B 276 -20.52 14.83 -20.35
C MET B 276 -19.35 15.63 -19.76
N ASP B 277 -18.58 16.29 -20.61
CA ASP B 277 -17.53 17.21 -20.17
C ASP B 277 -17.53 18.36 -21.20
N VAL B 278 -18.25 19.43 -20.90
CA VAL B 278 -18.49 20.50 -21.89
C VAL B 278 -17.53 21.68 -21.69
N GLU B 279 -17.85 22.86 -22.21
CA GLU B 279 -16.82 23.89 -22.40
C GLU B 279 -16.49 24.86 -21.26
N ASP B 280 -17.36 24.96 -20.25
CA ASP B 280 -17.05 25.74 -19.05
C ASP B 280 -17.82 25.22 -17.83
N ARG B 281 -17.47 25.72 -16.65
CA ARG B 281 -18.15 25.25 -15.44
C ARG B 281 -19.65 25.48 -15.50
N GLN B 282 -20.08 26.64 -16.02
CA GLN B 282 -21.51 26.99 -16.03
C GLN B 282 -22.32 25.95 -16.79
N LYS B 283 -21.89 25.68 -18.01
CA LYS B 283 -22.53 24.70 -18.89
C LYS B 283 -22.37 23.26 -18.38
N GLN B 284 -21.28 22.96 -17.68
CA GLN B 284 -21.16 21.63 -17.07
C GLN B 284 -22.20 21.45 -15.96
N MET B 285 -22.27 22.43 -15.07
CA MET B 285 -23.32 22.46 -14.05
C MET B 285 -24.68 22.27 -14.72
N GLU B 286 -24.95 23.03 -15.79
CA GLU B 286 -26.26 22.97 -16.43
C GLU B 286 -26.58 21.60 -17.01
N ALA B 287 -25.62 21.01 -17.71
CA ALA B 287 -25.83 19.74 -18.38
C ALA B 287 -25.99 18.59 -17.38
N MET B 288 -25.20 18.64 -16.30
CA MET B 288 -25.32 17.70 -15.21
C MET B 288 -26.67 17.86 -14.53
N ARG B 289 -27.03 19.11 -14.20
CA ARG B 289 -28.33 19.44 -13.60
C ARG B 289 -29.45 18.92 -14.50
N ASP B 290 -29.34 19.20 -15.80
CA ASP B 290 -30.40 18.87 -16.74
C ASP B 290 -30.53 17.36 -16.97
N LEU B 291 -29.40 16.67 -17.03
CA LEU B 291 -29.43 15.23 -17.20
C LEU B 291 -30.00 14.55 -15.94
N ARG B 292 -29.62 15.02 -14.75
CA ARG B 292 -30.22 14.51 -13.53
C ARG B 292 -31.74 14.70 -13.58
N ALA B 293 -32.17 15.89 -14.00
CA ALA B 293 -33.60 16.22 -14.01
C ALA B 293 -34.36 15.30 -14.96
N GLU B 294 -33.78 15.03 -16.11
CA GLU B 294 -34.31 14.05 -17.07
C GLU B 294 -34.39 12.65 -16.47
N LEU B 295 -33.27 12.16 -15.95
CA LEU B 295 -33.27 10.84 -15.27
C LEU B 295 -34.32 10.76 -14.16
N ASP B 296 -34.40 11.78 -13.30
CA ASP B 296 -35.28 11.74 -12.13
C ASP B 296 -36.75 11.87 -12.51
N GLY B 297 -37.04 12.75 -13.47
CA GLY B 297 -38.42 12.96 -13.91
C GLY B 297 -39.00 11.70 -14.53
N ARG B 298 -38.12 10.90 -15.13
CA ARG B 298 -38.49 9.64 -15.76
C ARG B 298 -38.36 8.45 -14.81
N GLY B 299 -37.81 8.67 -13.61
CA GLY B 299 -37.62 7.56 -12.68
C GLY B 299 -36.58 6.54 -13.14
N VAL B 300 -35.66 6.96 -14.00
CA VAL B 300 -34.54 6.10 -14.37
C VAL B 300 -33.62 6.04 -13.16
N ASP B 301 -33.37 4.82 -12.72
CA ASP B 301 -32.66 4.54 -11.49
C ASP B 301 -31.14 4.51 -11.73
N ALA B 302 -30.56 5.66 -12.03
CA ALA B 302 -29.14 5.78 -12.24
C ALA B 302 -28.68 7.08 -11.62
N GLU B 303 -27.49 7.07 -11.03
CA GLU B 303 -26.97 8.30 -10.44
C GLU B 303 -25.82 8.86 -11.26
N LEU B 304 -25.72 10.19 -11.31
CA LEU B 304 -24.62 10.87 -11.98
C LEU B 304 -23.64 11.41 -10.97
N VAL B 305 -22.35 11.27 -11.25
CA VAL B 305 -21.31 11.72 -10.34
C VAL B 305 -20.55 12.83 -11.03
N ALA B 306 -20.47 13.98 -10.39
CA ALA B 306 -19.74 15.09 -10.95
C ALA B 306 -18.24 14.84 -10.82
N ASP B 307 -17.48 15.43 -11.74
CA ASP B 307 -16.03 15.46 -11.63
C ASP B 307 -15.51 16.66 -12.40
N GLU B 308 -15.46 16.57 -13.74
CA GLU B 308 -14.92 17.67 -14.55
C GLU B 308 -15.63 18.99 -14.26
N TRP B 309 -14.85 20.05 -14.07
CA TRP B 309 -15.30 21.42 -13.75
C TRP B 309 -15.72 21.62 -12.30
N CYS B 310 -15.76 20.55 -11.51
CA CYS B 310 -16.15 20.66 -10.11
C CYS B 310 -14.92 20.32 -9.24
N ASN B 311 -14.17 21.35 -8.90
CA ASN B 311 -12.82 21.19 -8.33
C ASN B 311 -12.75 21.74 -6.92
N THR B 312 -13.12 23.01 -6.78
CA THR B 312 -12.93 23.72 -5.52
C THR B 312 -14.09 23.53 -4.54
N VAL B 313 -13.89 23.99 -3.31
CA VAL B 313 -14.99 24.08 -2.34
C VAL B 313 -16.15 24.89 -2.92
N GLU B 314 -15.84 26.04 -3.51
CA GLU B 314 -16.86 26.86 -4.18
C GLU B 314 -17.59 26.09 -5.28
N ASP B 315 -16.83 25.33 -6.08
CA ASP B 315 -17.41 24.48 -7.13
C ASP B 315 -18.32 23.40 -6.51
N VAL B 316 -17.84 22.79 -5.43
CA VAL B 316 -18.65 21.79 -4.72
C VAL B 316 -19.98 22.42 -4.33
N LYS B 317 -19.94 23.61 -3.73
CA LYS B 317 -21.19 24.30 -3.31
C LYS B 317 -22.07 24.59 -4.51
N PHE B 318 -21.44 25.08 -5.56
CA PHE B 318 -22.12 25.40 -6.82
C PHE B 318 -22.85 24.18 -7.42
N PHE B 319 -22.13 23.08 -7.59
CA PHE B 319 -22.74 21.86 -8.09
C PHE B 319 -23.83 21.33 -7.16
N THR B 320 -23.58 21.46 -5.85
CA THR B 320 -24.56 21.07 -4.86
C THR B 320 -25.84 21.91 -4.92
N ASP B 321 -25.69 23.23 -4.86
CA ASP B 321 -26.86 24.13 -4.84
C ASP B 321 -27.76 23.87 -6.05
N ASN B 322 -27.15 23.42 -7.13
CA ASN B 322 -27.86 23.29 -8.39
C ASN B 322 -28.30 21.88 -8.75
N LYS B 323 -28.08 20.93 -7.83
CA LYS B 323 -28.37 19.50 -8.08
C LYS B 323 -27.70 19.04 -9.39
N ALA B 324 -26.46 19.46 -9.57
CA ALA B 324 -25.73 19.15 -10.79
C ALA B 324 -25.15 17.73 -10.71
N GLY B 325 -26.04 16.75 -10.83
CA GLY B 325 -25.70 15.37 -10.53
C GLY B 325 -26.22 14.93 -9.18
N HIS B 326 -26.04 13.64 -8.87
CA HIS B 326 -26.51 13.05 -7.58
C HIS B 326 -25.43 12.92 -6.54
N MET B 327 -24.19 13.03 -6.97
CA MET B 327 -23.06 12.81 -6.10
C MET B 327 -21.96 13.69 -6.61
N VAL B 328 -21.26 14.33 -5.68
CA VAL B 328 -20.18 15.24 -5.98
C VAL B 328 -18.89 14.64 -5.46
N GLN B 329 -17.87 14.68 -6.33
CA GLN B 329 -16.54 14.21 -6.00
C GLN B 329 -15.76 15.29 -5.27
N ILE B 330 -15.34 14.95 -4.05
CA ILE B 330 -14.55 15.83 -3.21
C ILE B 330 -13.10 15.41 -3.40
N LYS B 331 -12.34 16.24 -4.10
CA LYS B 331 -11.04 15.85 -4.62
C LYS B 331 -9.96 16.13 -3.59
N THR B 332 -9.80 15.19 -2.65
CA THR B 332 -9.01 15.46 -1.43
C THR B 332 -7.64 16.17 -1.63
N PRO B 333 -6.74 15.67 -2.52
CA PRO B 333 -5.46 16.40 -2.57
C PRO B 333 -5.58 17.84 -3.05
N ASP B 334 -6.46 18.06 -4.02
CA ASP B 334 -6.60 19.36 -4.65
C ASP B 334 -7.20 20.42 -3.76
N LEU B 335 -7.85 20.00 -2.67
CA LEU B 335 -8.48 20.95 -1.72
C LEU B 335 -7.51 21.64 -0.75
N GLY B 336 -6.23 21.22 -0.76
CA GLY B 336 -5.26 21.73 0.20
C GLY B 336 -5.56 21.26 1.63
N GLY B 337 -5.86 22.20 2.52
CA GLY B 337 -6.15 21.84 3.89
C GLY B 337 -7.27 20.81 3.99
N VAL B 338 -7.08 19.76 4.79
CA VAL B 338 -8.05 18.65 4.86
C VAL B 338 -9.34 19.06 5.56
N ASN B 339 -9.27 20.17 6.28
CA ASN B 339 -10.44 20.81 6.82
C ASN B 339 -11.44 21.15 5.70
N ASN B 340 -10.92 21.46 4.51
CA ASN B 340 -11.78 21.73 3.34
C ASN B 340 -12.59 20.53 2.87
N ILE B 341 -12.01 19.34 3.03
CA ILE B 341 -12.73 18.11 2.78
C ILE B 341 -13.93 18.08 3.72
N ALA B 342 -13.69 18.29 5.02
CA ALA B 342 -14.79 18.20 5.97
C ALA B 342 -15.87 19.24 5.64
N ASP B 343 -15.48 20.49 5.38
CA ASP B 343 -16.50 21.49 4.98
C ASP B 343 -17.25 21.12 3.70
N ALA B 344 -16.53 20.57 2.72
CA ALA B 344 -17.17 20.19 1.46
C ALA B 344 -18.17 19.05 1.68
N ILE B 345 -17.77 18.01 2.43
CA ILE B 345 -18.73 16.92 2.73
C ILE B 345 -19.93 17.41 3.50
N MET B 346 -19.71 18.25 4.52
CA MET B 346 -20.80 18.73 5.34
C MET B 346 -21.74 19.62 4.53
N TYR B 347 -21.19 20.37 3.57
CA TYR B 347 -22.06 21.15 2.69
C TYR B 347 -23.01 20.23 1.91
N CYS B 348 -22.44 19.17 1.29
CA CYS B 348 -23.24 18.17 0.59
C CYS B 348 -24.28 17.56 1.52
N LYS B 349 -23.87 17.14 2.72
CA LYS B 349 -24.81 16.57 3.70
C LYS B 349 -25.96 17.50 3.96
N ALA B 350 -25.65 18.76 4.27
CA ALA B 350 -26.67 19.73 4.66
C ALA B 350 -27.69 19.91 3.55
N ASN B 351 -27.28 19.64 2.32
CA ASN B 351 -28.13 19.88 1.18
C ASN B 351 -28.58 18.60 0.52
N GLY B 352 -28.35 17.47 1.18
CA GLY B 352 -28.80 16.17 0.69
C GLY B 352 -28.15 15.74 -0.61
N MET B 353 -26.93 16.19 -0.86
CA MET B 353 -26.13 15.78 -2.05
C MET B 353 -25.17 14.67 -1.62
N GLY B 354 -25.09 13.61 -2.43
CA GLY B 354 -24.14 12.55 -2.13
C GLY B 354 -22.72 13.09 -2.17
N ALA B 355 -21.92 12.73 -1.19
CA ALA B 355 -20.51 13.14 -1.17
C ALA B 355 -19.58 11.94 -1.34
N TYR B 356 -18.70 12.06 -2.32
CA TYR B 356 -17.73 11.03 -2.63
C TYR B 356 -16.39 11.59 -2.18
N CYS B 357 -15.87 11.04 -1.08
CA CYS B 357 -14.63 11.52 -0.49
C CYS B 357 -13.49 10.84 -1.25
N GLY B 358 -12.86 11.59 -2.17
CA GLY B 358 -12.01 10.97 -3.17
C GLY B 358 -10.54 10.91 -2.79
N GLY B 359 -9.70 11.22 -3.77
CA GLY B 359 -8.26 11.11 -3.60
C GLY B 359 -7.52 10.92 -4.91
N THR B 360 -6.25 10.56 -4.80
CA THR B 360 -5.41 10.27 -5.96
C THR B 360 -4.62 8.98 -5.70
N CYS B 361 -4.41 8.22 -6.77
CA CYS B 361 -3.51 7.08 -6.75
C CYS B 361 -2.10 7.51 -6.39
N ASN B 362 -1.82 8.81 -6.52
CA ASN B 362 -0.47 9.30 -6.28
C ASN B 362 -0.23 9.89 -4.89
N GLU B 363 -1.09 9.59 -3.94
CA GLU B 363 -0.84 10.07 -2.58
C GLU B 363 -0.28 8.93 -1.74
N THR B 364 -0.43 8.95 -0.42
CA THR B 364 0.29 7.95 0.36
C THR B 364 -0.62 7.11 1.21
N ASN B 365 -0.05 6.06 1.81
CA ASN B 365 -0.76 5.27 2.81
C ASN B 365 -1.32 6.14 3.95
N ARG B 366 -0.48 7.07 4.44
CA ARG B 366 -0.84 7.89 5.58
C ARG B 366 -1.92 8.90 5.23
N SER B 367 -1.74 9.55 4.08
CA SER B 367 -2.73 10.52 3.65
C SER B 367 -4.07 9.80 3.43
N ALA B 368 -4.02 8.57 2.92
CA ALA B 368 -5.26 7.80 2.73
C ALA B 368 -5.94 7.50 4.08
N GLU B 369 -5.16 7.17 5.11
CA GLU B 369 -5.77 6.88 6.39
C GLU B 369 -6.44 8.15 6.92
N VAL B 370 -5.73 9.26 6.78
CA VAL B 370 -6.25 10.51 7.30
C VAL B 370 -7.58 10.88 6.63
N THR B 371 -7.60 10.94 5.29
CA THR B 371 -8.84 11.36 4.62
C THR B 371 -9.97 10.35 4.77
N THR B 372 -9.63 9.06 4.92
CA THR B 372 -10.64 8.04 5.24
C THR B 372 -11.37 8.37 6.56
N ASN B 373 -10.58 8.70 7.59
CA ASN B 373 -11.12 9.19 8.87
C ASN B 373 -12.11 10.36 8.70
N ILE B 374 -11.75 11.33 7.87
CA ILE B 374 -12.61 12.48 7.59
C ILE B 374 -13.90 12.08 6.88
N GLY B 375 -13.79 11.20 5.89
CA GLY B 375 -14.97 10.69 5.18
C GLY B 375 -15.93 9.98 6.14
N MET B 376 -15.36 9.22 7.07
CA MET B 376 -16.17 8.50 8.07
C MET B 376 -16.84 9.48 9.04
N ALA B 377 -16.05 10.43 9.53
CA ALA B 377 -16.54 11.44 10.47
C ALA B 377 -17.72 12.24 9.92
N CYS B 378 -17.69 12.52 8.61
CA CYS B 378 -18.69 13.38 7.96
C CYS B 378 -19.82 12.60 7.29
N GLY B 379 -19.80 11.27 7.47
CA GLY B 379 -20.82 10.39 6.88
C GLY B 379 -20.87 10.46 5.36
N ALA B 380 -19.72 10.49 4.71
CA ALA B 380 -19.65 10.48 3.26
C ALA B 380 -20.35 9.24 2.66
N ARG B 381 -20.81 9.37 1.42
CA ARG B 381 -21.54 8.29 0.75
C ARG B 381 -20.60 7.20 0.24
N GLN B 382 -19.38 7.59 -0.12
CA GLN B 382 -18.33 6.62 -0.45
C GLN B 382 -16.96 7.25 -0.24
N VAL B 383 -15.93 6.42 0.00
CA VAL B 383 -14.55 6.88 0.11
C VAL B 383 -13.71 6.08 -0.88
N ALA B 384 -12.62 6.68 -1.33
CA ALA B 384 -11.71 6.01 -2.28
C ALA B 384 -10.80 5.01 -1.58
N ALA B 385 -10.63 3.83 -2.19
CA ALA B 385 -9.52 2.94 -1.91
C ALA B 385 -8.33 3.55 -2.64
N LYS B 386 -7.27 3.84 -1.91
CA LYS B 386 -6.12 4.56 -2.46
C LYS B 386 -4.97 4.42 -1.45
N PRO B 387 -3.73 4.76 -1.84
CA PRO B 387 -3.31 5.17 -3.16
C PRO B 387 -2.83 3.91 -3.92
N GLY B 388 -2.11 4.11 -5.02
CA GLY B 388 -1.58 2.99 -5.79
C GLY B 388 -2.58 2.51 -6.83
N MET B 389 -2.10 1.73 -7.80
N MET B 389 -2.09 1.71 -7.77
CA MET B 389 -3.00 1.12 -8.78
CA MET B 389 -2.94 1.11 -8.81
C MET B 389 -3.03 -0.40 -8.64
C MET B 389 -2.96 -0.41 -8.68
N GLY B 390 -2.38 -0.92 -7.58
CA GLY B 390 -2.38 -2.36 -7.30
C GLY B 390 -3.75 -2.86 -6.87
N VAL B 391 -4.63 -1.94 -6.49
CA VAL B 391 -6.00 -2.20 -5.94
C VAL B 391 -5.92 -2.86 -4.55
N ASP B 392 -5.28 -4.01 -4.46
CA ASP B 392 -5.14 -4.69 -3.18
C ASP B 392 -4.67 -3.74 -2.08
N GLU B 393 -3.58 -3.03 -2.34
CA GLU B 393 -2.98 -2.17 -1.32
C GLU B 393 -3.89 -1.03 -0.89
N GLY B 394 -4.55 -0.38 -1.85
CA GLY B 394 -5.47 0.72 -1.54
C GLY B 394 -6.66 0.26 -0.72
N MET B 395 -7.25 -0.89 -1.10
N MET B 395 -7.23 -0.90 -1.06
CA MET B 395 -8.37 -1.48 -0.36
CA MET B 395 -8.38 -1.42 -0.32
C MET B 395 -7.92 -1.74 1.07
C MET B 395 -7.98 -1.83 1.08
N MET B 396 -6.80 -2.44 1.20
CA MET B 396 -6.21 -2.78 2.50
C MET B 396 -6.03 -1.55 3.41
N ILE B 397 -5.27 -0.57 2.94
CA ILE B 397 -5.03 0.67 3.70
C ILE B 397 -6.32 1.31 4.20
N VAL B 398 -7.30 1.45 3.31
CA VAL B 398 -8.48 2.23 3.64
C VAL B 398 -9.44 1.43 4.52
N LYS B 399 -9.73 0.22 4.11
CA LYS B 399 -10.66 -0.63 4.84
C LYS B 399 -10.13 -1.06 6.21
N ASN B 400 -8.84 -1.40 6.31
CA ASN B 400 -8.27 -1.73 7.62
C ASN B 400 -8.34 -0.55 8.59
N GLU B 401 -8.03 0.63 8.08
CA GLU B 401 -8.12 1.84 8.90
C GLU B 401 -9.54 2.04 9.35
N MET B 402 -10.46 1.92 8.41
CA MET B 402 -11.88 2.04 8.69
C MET B 402 -12.32 1.12 9.84
N ASN B 403 -11.98 -0.17 9.73
CA ASN B 403 -12.36 -1.17 10.73
C ASN B 403 -11.77 -0.87 12.10
N ARG B 404 -10.48 -0.52 12.13
CA ARG B 404 -9.82 -0.14 13.38
C ARG B 404 -10.49 1.07 14.04
N VAL B 405 -10.76 2.10 13.24
CA VAL B 405 -11.39 3.30 13.78
C VAL B 405 -12.75 2.98 14.38
N LEU B 406 -13.56 2.19 13.67
CA LEU B 406 -14.84 1.77 14.22
C LEU B 406 -14.68 0.99 15.53
N ALA B 407 -13.65 0.17 15.61
CA ALA B 407 -13.41 -0.58 16.86
C ALA B 407 -13.13 0.35 18.05
N LEU B 408 -12.29 1.36 17.84
CA LEU B 408 -11.95 2.33 18.87
C LEU B 408 -13.13 3.18 19.25
N VAL B 409 -13.88 3.63 18.23
CA VAL B 409 -15.08 4.40 18.48
C VAL B 409 -16.11 3.60 19.28
N GLY B 410 -16.27 2.33 18.92
CA GLY B 410 -17.29 1.48 19.56
C GLY B 410 -16.94 1.21 21.01
N ARG B 411 -15.65 1.03 21.25
CA ARG B 411 -15.12 0.89 22.59
C ARG B 411 -15.45 2.14 23.41
N ARG B 412 -15.16 3.30 22.84
CA ARG B 412 -15.34 4.55 23.59
C ARG B 412 -16.80 4.73 23.98
N LYS B 413 -17.69 4.47 23.04
CA LYS B 413 -19.14 4.52 23.28
C LYS B 413 -19.57 3.65 24.45
N LYS B 414 -18.83 2.57 24.70
CA LYS B 414 -19.22 1.62 25.75
C LYS B 414 -18.53 1.81 27.12
N LEU B 415 -17.60 2.75 27.23
CA LEU B 415 -16.80 2.89 28.46
C LEU B 415 -17.64 3.11 29.72
C1 GOL C . 7.43 5.83 13.17
O1 GOL C . 7.09 4.43 13.10
C2 GOL C . 6.46 6.67 12.34
O2 GOL C . 6.67 6.44 10.98
C3 GOL C . 6.61 8.19 12.56
O3 GOL C . 6.29 8.48 13.90
CA ROP D . 3.00 -12.40 -3.45
CB ROP D . 4.42 -12.86 -3.63
CG ROP D . 4.95 -13.47 -2.34
OD1 ROP D . 5.48 -12.76 -1.48
ND2 ROP D . 4.80 -14.78 -2.18
MG MG E . 13.04 -17.67 -2.81
C1 GOL F . -6.38 4.71 14.10
O1 GOL F . -5.99 5.79 13.28
C2 GOL F . -5.36 3.58 14.00
O2 GOL F . -5.52 2.90 12.78
C3 GOL F . -5.49 2.60 15.17
O3 GOL F . -5.32 3.35 16.37
C1 GOL G . 12.25 9.20 -2.86
O1 GOL G . 12.92 8.38 -3.79
C2 GOL G . 13.28 9.90 -1.99
O2 GOL G . 13.16 11.29 -2.17
C3 GOL G . 13.06 9.50 -0.54
O3 GOL G . 13.89 8.41 -0.19
C1 GOL H . -2.74 22.37 -7.29
O1 GOL H . -1.79 21.35 -7.26
C2 GOL H . -4.06 21.82 -7.79
O2 GOL H . -4.12 20.50 -7.33
C3 GOL H . -5.23 22.59 -7.19
O3 GOL H . -5.19 23.94 -7.63
C1 GOL I . -12.60 -2.46 -23.52
O1 GOL I . -11.87 -3.10 -22.49
C2 GOL I . -14.06 -2.57 -23.13
O2 GOL I . -14.80 -3.12 -24.20
C3 GOL I . -14.61 -1.21 -22.71
O3 GOL I . -16.01 -1.25 -22.59
CL CL J . -7.83 -6.48 -17.40
CA ROP K . -3.66 7.02 -10.72
CB ROP K . -5.10 7.40 -11.05
CG ROP K . -5.46 8.66 -10.29
OD1 ROP K . -6.03 8.62 -9.21
ND2 ROP K . -5.10 9.80 -10.85
MG MG L . -13.72 11.35 -13.19
#